data_5NW9
#
_entry.id   5NW9
#
_cell.length_a   108.010
_cell.length_b   195.310
_cell.length_c   50.830
_cell.angle_alpha   90.000
_cell.angle_beta   90.000
_cell.angle_gamma   90.000
#
_symmetry.space_group_name_H-M   'P 21 21 2'
#
loop_
_entity.id
_entity.type
_entity.pdbx_description
1 polymer 'Tyrosyl-DNA phosphodiesterase 1'
2 polymer "DNA (5'-D(P*TP*GP*CP*GP*CP*AP*GP*TP*A)-3')"
3 water water
#
loop_
_entity_poly.entity_id
_entity_poly.type
_entity_poly.pdbx_seq_one_letter_code
_entity_poly.pdbx_strand_id
1 'polypeptide(L)'
;MGSSHHHHHHSSGLVPRGSHMLEDPGEGQDIWDMLDKGNPFQFYLTRVSGVKPKYNSGALHIKDILSPLFGTLVSSAQFN
YCFDVDWLVKQYPPEFRKKPILLVHGDKREAKAHLHAQAKPYENISLCQAKLDIAFGTHHTKMMLLLYEEGLRVVIHTSN
LIHADWHQKTQGIWLSPLYPRIADGTHKSGESPTHFKANLISYLTAYNAPSLKEWIDVIHKHDLSETNVYLIGSTPGRFQ
GSQKDNWGHFRLKKLLKDHASSMPNAESWPVVGQFSSVGSLGADESKWLCSEFKESMLTLGKESKTPGKSSVPLYLIYPS
VENVRTSLEGYPAGGSLPYSIQTAEKQNWLHSYFHKWSAETSGRSNAMPHIKTYMRPSPDFSKIAWFLVTSANLSKAAWG
ALEKNGTQLMIRSYELGVLFLPSALGLDSFKVKQKFFAGSQEPMATFPVPYDLPPELYGSKDRPWIWNIPYVKAPDTHGN
MWVPS
;
A,B
2 'polydeoxyribonucleotide' (DT)(DG)(DC)(DG)(DC)(DA)(DG)(DT)(DA) C
#
# COMPACT_ATOMS: atom_id res chain seq x y z
N GLY A 38 -8.24 20.21 8.73
CA GLY A 38 -7.88 19.20 7.69
C GLY A 38 -7.83 19.83 6.30
N ASN A 39 -6.85 20.71 6.09
CA ASN A 39 -6.21 20.91 4.76
C ASN A 39 -5.29 19.75 4.46
N PRO A 40 -5.07 19.46 3.18
CA PRO A 40 -4.53 18.13 2.88
C PRO A 40 -3.04 17.92 3.26
N PHE A 41 -2.23 18.95 3.19
CA PHE A 41 -0.80 18.79 3.28
C PHE A 41 -0.23 18.78 4.70
N GLN A 42 -0.72 19.66 5.57
CA GLN A 42 -0.24 19.80 6.95
C GLN A 42 1.24 20.16 6.95
N PHE A 43 1.59 20.99 5.97
CA PHE A 43 2.93 21.49 5.82
C PHE A 43 3.03 22.93 6.28
N TYR A 44 3.86 23.15 7.29
CA TYR A 44 4.02 24.47 7.93
C TYR A 44 5.48 24.92 7.96
N LEU A 45 5.63 26.25 7.98
CA LEU A 45 6.88 26.90 8.32
C LEU A 45 6.90 27.32 9.76
N THR A 46 8.09 27.48 10.31
CA THR A 46 8.25 28.00 11.68
C THR A 46 8.05 29.52 11.73
N ARG A 47 7.81 30.01 12.95
CA ARG A 47 7.57 31.43 13.15
C ARG A 47 8.91 32.15 13.00
N VAL A 48 8.90 33.23 12.19
CA VAL A 48 10.06 34.13 12.08
C VAL A 48 9.88 35.48 12.82
N SER A 49 10.77 35.79 13.75
CA SER A 49 10.78 37.11 14.36
C SER A 49 11.35 38.20 13.46
N GLY A 50 10.56 39.24 13.29
CA GLY A 50 10.97 40.46 12.62
C GLY A 50 10.36 40.61 11.25
N VAL A 51 9.49 39.69 10.86
CA VAL A 51 8.67 39.89 9.66
C VAL A 51 7.27 40.31 10.05
N LYS A 52 6.52 40.89 9.12
CA LYS A 52 5.14 41.32 9.39
C LYS A 52 4.35 40.12 9.85
N PRO A 53 3.32 40.35 10.67
CA PRO A 53 2.67 39.21 11.30
C PRO A 53 1.77 38.45 10.31
N LYS A 54 1.55 38.99 9.12
CA LYS A 54 0.86 38.21 8.09
C LYS A 54 1.69 37.07 7.49
N TYR A 55 3.01 37.09 7.70
CA TYR A 55 3.86 35.98 7.27
C TYR A 55 4.06 34.96 8.38
N ASN A 56 3.56 35.29 9.57
CA ASN A 56 3.59 34.35 10.68
C ASN A 56 2.26 33.76 11.09
N SER A 57 1.20 34.14 10.40
CA SER A 57 -0.13 33.60 10.68
C SER A 57 -0.25 32.36 9.81
N GLY A 58 -0.49 31.22 10.40
CA GLY A 58 -0.35 29.98 9.66
C GLY A 58 1.07 29.41 9.75
N ALA A 59 1.94 30.05 10.53
CA ALA A 59 3.26 29.49 10.87
C ALA A 59 3.26 28.97 12.31
N LEU A 60 4.16 28.06 12.63
CA LEU A 60 4.09 27.38 13.91
C LEU A 60 5.38 27.58 14.67
N HIS A 61 5.26 28.04 15.91
CA HIS A 61 6.37 27.95 16.80
C HIS A 61 6.36 26.61 17.51
N ILE A 62 7.48 26.20 18.05
CA ILE A 62 7.54 24.95 18.81
C ILE A 62 6.50 24.93 19.92
N LYS A 63 6.35 26.05 20.61
CA LYS A 63 5.30 26.19 21.65
C LYS A 63 3.90 25.87 21.16
N ASP A 64 3.55 26.28 19.95
CA ASP A 64 2.25 25.89 19.39
C ASP A 64 2.16 24.38 19.25
N ILE A 65 3.24 23.75 18.78
CA ILE A 65 3.25 22.31 18.53
C ILE A 65 3.06 21.48 19.82
N LEU A 66 3.71 21.90 20.91
CA LEU A 66 3.56 21.19 22.19
C LEU A 66 2.34 21.68 23.05
N SER A 67 1.57 22.62 22.51
CA SER A 67 0.36 23.19 23.18
C SER A 67 -0.63 22.13 23.67
N PRO A 68 -1.29 22.38 24.81
CA PRO A 68 -2.45 21.57 25.25
C PRO A 68 -3.58 21.51 24.22
N LEU A 69 -3.65 22.50 23.34
CA LEU A 69 -4.67 22.52 22.28
C LEU A 69 -4.62 21.20 21.48
N PHE A 70 -3.40 20.72 21.20
CA PHE A 70 -3.21 19.59 20.28
C PHE A 70 -3.38 18.26 21.01
N GLY A 71 -3.64 18.31 22.33
CA GLY A 71 -3.90 17.12 23.14
C GLY A 71 -3.33 17.18 24.56
N THR A 72 -3.81 16.29 25.43
CA THR A 72 -3.30 16.14 26.80
C THR A 72 -2.13 15.15 26.86
N LEU A 73 -0.94 15.68 27.05
CA LEU A 73 0.29 14.94 26.83
C LEU A 73 0.54 13.94 27.95
N VAL A 74 0.93 12.73 27.59
CA VAL A 74 1.36 11.69 28.53
C VAL A 74 2.90 11.58 28.53
N SER A 75 3.48 11.45 27.34
CA SER A 75 4.94 11.48 27.18
C SER A 75 5.36 11.81 25.75
N SER A 76 6.67 11.98 25.56
CA SER A 76 7.20 12.33 24.25
C SER A 76 8.60 11.81 24.00
N ALA A 77 8.92 11.68 22.72
CA ALA A 77 10.28 11.41 22.27
C ALA A 77 10.72 12.49 21.30
N GLN A 78 11.93 13.03 21.53
CA GLN A 78 12.49 14.06 20.66
C GLN A 78 13.75 13.52 19.98
N PHE A 79 13.62 13.29 18.68
CA PHE A 79 14.72 12.83 17.82
C PHE A 79 15.37 14.07 17.26
N ASN A 80 16.68 14.19 17.44
CA ASN A 80 17.35 15.36 16.90
C ASN A 80 18.86 15.20 16.87
N TYR A 81 19.49 16.20 16.30
CA TYR A 81 20.92 16.34 16.28
C TYR A 81 21.46 17.20 17.46
N CYS A 82 21.14 18.49 17.51
CA CYS A 82 21.49 19.36 18.65
C CYS A 82 20.31 19.67 19.55
N PHE A 83 20.61 19.70 20.85
CA PHE A 83 19.65 19.96 21.90
C PHE A 83 20.22 21.05 22.79
N ASP A 84 19.40 22.03 23.12
CA ASP A 84 19.61 22.83 24.34
C ASP A 84 18.50 22.43 25.32
N VAL A 85 18.86 21.65 26.33
CA VAL A 85 17.87 20.94 27.12
C VAL A 85 17.00 21.89 27.96
N ASP A 86 17.59 22.98 28.49
CA ASP A 86 16.86 23.93 29.33
C ASP A 86 15.82 24.65 28.49
N TRP A 87 16.22 25.08 27.30
CA TRP A 87 15.32 25.76 26.41
C TRP A 87 14.19 24.81 26.01
N LEU A 88 14.51 23.57 25.70
CA LEU A 88 13.49 22.62 25.23
C LEU A 88 12.37 22.41 26.28
N VAL A 89 12.78 22.14 27.51
CA VAL A 89 11.83 21.95 28.60
C VAL A 89 10.91 23.17 28.71
N LYS A 90 11.47 24.36 28.54
CA LYS A 90 10.65 25.58 28.65
C LYS A 90 9.69 25.76 27.48
N GLN A 91 9.86 24.97 26.40
CA GLN A 91 8.92 25.00 25.27
C GLN A 91 7.65 24.20 25.56
N TYR A 92 7.75 23.22 26.45
CA TYR A 92 6.60 22.43 26.84
C TYR A 92 5.78 23.29 27.82
N PRO A 93 4.45 23.18 27.74
CA PRO A 93 3.61 23.95 28.67
C PRO A 93 3.85 23.46 30.09
N PRO A 94 3.79 24.38 31.08
CA PRO A 94 4.02 24.07 32.50
C PRO A 94 3.38 22.75 32.99
N GLU A 95 2.12 22.54 32.66
CA GLU A 95 1.42 21.30 33.01
C GLU A 95 2.10 20.06 32.46
N PHE A 96 2.88 20.19 31.39
CA PHE A 96 3.44 19.01 30.73
C PHE A 96 4.94 18.81 30.95
N ARG A 97 5.60 19.70 31.71
CA ARG A 97 7.06 19.66 31.83
C ARG A 97 7.63 18.50 32.62
N LYS A 98 6.82 17.84 33.45
CA LYS A 98 7.32 16.70 34.21
C LYS A 98 7.01 15.36 33.54
N LYS A 99 6.35 15.39 32.39
CA LYS A 99 6.02 14.17 31.67
C LYS A 99 7.31 13.60 31.07
N PRO A 100 7.45 12.25 31.08
CA PRO A 100 8.64 11.62 30.45
C PRO A 100 8.96 12.19 29.06
N ILE A 101 10.20 12.63 28.92
CA ILE A 101 10.79 12.91 27.63
C ILE A 101 11.96 11.97 27.41
N LEU A 102 11.98 11.35 26.24
CA LEU A 102 13.15 10.62 25.74
C LEU A 102 13.84 11.48 24.70
N LEU A 103 15.13 11.73 24.88
CA LEU A 103 15.94 12.37 23.84
C LEU A 103 16.67 11.28 23.05
N VAL A 104 16.54 11.33 21.72
CA VAL A 104 17.26 10.38 20.85
C VAL A 104 18.30 11.16 20.06
N HIS A 105 19.56 10.87 20.37
CA HIS A 105 20.68 11.69 19.89
C HIS A 105 21.76 10.74 19.38
N GLY A 106 22.83 11.27 18.80
CA GLY A 106 23.99 10.43 18.36
C GLY A 106 25.37 10.85 18.89
N ASP A 107 25.38 11.71 19.90
CA ASP A 107 26.60 12.19 20.53
C ASP A 107 27.36 11.07 21.17
N LYS A 108 28.68 11.17 21.13
CA LYS A 108 29.54 10.25 21.87
C LYS A 108 30.45 11.02 22.80
N ARG A 109 31.02 10.31 23.77
CA ARG A 109 32.18 10.78 24.53
C ARG A 109 31.89 12.07 25.29
N GLU A 110 32.49 13.21 24.92
CA GLU A 110 32.35 14.43 25.71
C GLU A 110 31.01 15.13 25.39
N ALA A 111 30.66 15.23 24.11
CA ALA A 111 29.34 15.70 23.71
C ALA A 111 28.26 14.93 24.48
N LYS A 112 28.37 13.61 24.46
CA LYS A 112 27.44 12.78 25.18
C LYS A 112 27.36 13.21 26.64
N ALA A 113 28.52 13.30 27.31
CA ALA A 113 28.60 13.70 28.72
C ALA A 113 28.01 15.09 28.98
N HIS A 114 28.24 16.03 28.07
CA HIS A 114 27.59 17.36 28.16
C HIS A 114 26.05 17.29 28.09
N LEU A 115 25.54 16.51 27.15
CA LEU A 115 24.10 16.32 27.00
C LEU A 115 23.54 15.60 28.22
N HIS A 116 24.23 14.57 28.71
CA HIS A 116 23.80 13.93 29.95
C HIS A 116 23.74 14.92 31.12
N ALA A 117 24.74 15.79 31.22
CA ALA A 117 24.83 16.82 32.26
C ALA A 117 23.69 17.84 32.14
N GLN A 118 23.50 18.44 30.96
CA GLN A 118 22.27 19.21 30.65
C GLN A 118 20.95 18.55 31.15
N ALA A 119 20.79 17.25 30.87
CA ALA A 119 19.57 16.51 31.23
C ALA A 119 19.46 16.15 32.71
N LYS A 120 20.60 16.10 33.42
CA LYS A 120 20.68 15.74 34.86
C LYS A 120 19.61 16.38 35.75
N PRO A 121 19.42 17.71 35.69
CA PRO A 121 18.45 18.33 36.61
C PRO A 121 17.00 17.83 36.51
N TYR A 122 16.63 17.19 35.40
CA TYR A 122 15.24 16.81 35.16
C TYR A 122 15.09 15.29 35.25
N GLU A 123 14.57 14.81 36.38
CA GLU A 123 14.33 13.38 36.58
C GLU A 123 13.43 12.70 35.54
N ASN A 124 12.49 13.44 34.94
CA ASN A 124 11.59 12.86 33.91
C ASN A 124 12.26 12.57 32.53
N ILE A 125 13.54 12.90 32.36
CA ILE A 125 14.14 12.90 31.03
C ILE A 125 15.12 11.75 30.88
N SER A 126 14.88 10.88 29.89
CA SER A 126 15.86 9.87 29.51
C SER A 126 16.57 10.22 28.22
N LEU A 127 17.62 9.43 27.94
CA LEU A 127 18.40 9.58 26.71
C LEU A 127 18.58 8.21 26.03
N CYS A 128 18.62 8.23 24.69
CA CYS A 128 18.94 7.05 23.90
C CYS A 128 19.99 7.42 22.88
N GLN A 129 21.14 6.78 22.93
CA GLN A 129 22.18 7.08 21.98
C GLN A 129 22.04 6.14 20.77
N ALA A 130 21.66 6.70 19.65
CA ALA A 130 21.58 5.95 18.43
C ALA A 130 22.98 5.59 17.95
N LYS A 131 23.19 4.32 17.63
CA LYS A 131 24.50 3.87 17.19
C LYS A 131 24.87 4.40 15.80
N LEU A 132 26.10 4.92 15.74
CA LEU A 132 26.68 5.47 14.50
C LEU A 132 28.02 4.77 14.21
N ASP A 133 27.96 3.58 13.61
CA ASP A 133 29.15 2.76 13.36
C ASP A 133 29.95 3.17 12.14
N ILE A 134 29.47 4.13 11.37
CA ILE A 134 30.25 4.58 10.23
C ILE A 134 30.69 6.01 10.44
N ALA A 135 31.95 6.27 10.17
CA ALA A 135 32.56 7.54 10.53
C ALA A 135 31.92 8.68 9.74
N PHE A 136 31.94 9.84 10.36
CA PHE A 136 31.32 11.04 9.83
C PHE A 136 29.80 10.93 9.65
N GLY A 137 29.20 10.05 10.43
CA GLY A 137 27.76 9.96 10.48
C GLY A 137 27.16 10.84 11.56
N THR A 138 25.90 11.22 11.37
CA THR A 138 25.22 12.04 12.35
C THR A 138 23.82 11.47 12.53
N HIS A 139 23.31 11.57 13.76
CA HIS A 139 21.90 11.39 13.98
C HIS A 139 21.15 12.68 13.69
N HIS A 140 20.84 12.83 12.43
CA HIS A 140 20.37 14.10 11.93
C HIS A 140 18.83 14.23 11.92
N THR A 141 18.12 13.11 11.99
CA THR A 141 16.66 13.10 11.97
C THR A 141 16.04 14.04 13.01
N LYS A 142 15.03 14.80 12.58
CA LYS A 142 14.23 15.68 13.51
C LYS A 142 12.77 15.28 13.51
N MET A 143 12.34 14.72 14.63
CA MET A 143 11.00 14.16 14.75
C MET A 143 10.60 14.17 16.23
N MET A 144 9.32 14.38 16.45
CA MET A 144 8.74 14.31 17.79
C MET A 144 7.67 13.23 17.71
N LEU A 145 7.72 12.31 18.66
CA LEU A 145 6.58 11.48 18.95
C LEU A 145 5.88 12.07 20.18
N LEU A 146 4.60 12.36 20.00
CA LEU A 146 3.80 13.01 21.01
C LEU A 146 2.62 12.11 21.41
N LEU A 147 2.78 11.41 22.53
CA LEU A 147 1.75 10.53 23.02
C LEU A 147 0.80 11.33 23.94
N TYR A 148 -0.48 11.28 23.62
CA TYR A 148 -1.53 12.01 24.36
C TYR A 148 -2.51 11.02 24.94
N GLU A 149 -3.32 11.46 25.90
CA GLU A 149 -4.46 10.67 26.36
C GLU A 149 -5.41 10.35 25.20
N GLU A 150 -5.60 11.30 24.29
CA GLU A 150 -6.54 11.19 23.17
C GLU A 150 -5.95 10.54 21.89
N GLY A 151 -4.64 10.26 21.87
CA GLY A 151 -4.03 9.51 20.76
C GLY A 151 -2.57 9.85 20.55
N LEU A 152 -2.12 9.84 19.29
CA LEU A 152 -0.69 9.96 18.97
C LEU A 152 -0.48 10.97 17.85
N ARG A 153 0.56 11.79 17.98
CA ARG A 153 0.95 12.64 16.88
C ARG A 153 2.42 12.41 16.56
N VAL A 154 2.72 12.51 15.28
CA VAL A 154 4.07 12.38 14.74
C VAL A 154 4.37 13.68 14.02
N VAL A 155 5.48 14.32 14.40
CA VAL A 155 5.89 15.55 13.79
C VAL A 155 7.26 15.29 13.20
N ILE A 156 7.40 15.58 11.92
CA ILE A 156 8.67 15.42 11.23
C ILE A 156 9.05 16.79 10.68
N HIS A 157 10.27 17.24 10.97
CA HIS A 157 10.61 18.66 10.74
C HIS A 157 12.12 18.84 10.50
N THR A 158 12.59 20.08 10.53
CA THR A 158 13.94 20.36 10.06
C THR A 158 14.80 21.12 11.04
N SER A 159 14.25 21.42 12.21
CA SER A 159 14.84 22.38 13.14
C SER A 159 15.54 21.62 14.29
N ASN A 160 16.75 22.05 14.64
CA ASN A 160 17.43 21.59 15.87
C ASN A 160 16.67 22.16 17.09
N LEU A 161 16.83 21.52 18.26
CA LEU A 161 16.13 21.90 19.49
C LEU A 161 16.93 22.97 20.32
N ILE A 162 17.20 24.09 19.64
CA ILE A 162 17.94 25.21 20.15
C ILE A 162 17.23 26.45 19.61
N HIS A 163 17.41 27.55 20.34
CA HIS A 163 16.60 28.74 20.21
C HIS A 163 16.77 29.34 18.84
N ALA A 164 18.02 29.45 18.40
CA ALA A 164 18.35 30.06 17.11
C ALA A 164 17.68 29.34 15.93
N ASP A 165 17.39 28.05 16.06
CA ASP A 165 16.81 27.32 14.92
C ASP A 165 15.34 27.66 14.67
N TRP A 166 14.67 28.20 15.70
CA TRP A 166 13.25 28.57 15.62
C TRP A 166 13.02 30.09 15.71
N HIS A 167 14.09 30.87 15.53
CA HIS A 167 14.00 32.27 15.78
C HIS A 167 13.76 33.01 14.46
N GLN A 168 14.76 33.06 13.59
CA GLN A 168 14.66 33.81 12.35
C GLN A 168 15.08 33.02 11.11
N LYS A 169 14.91 31.70 11.17
CA LYS A 169 15.19 30.86 9.99
C LYS A 169 13.93 30.41 9.28
N THR A 170 14.05 30.09 7.99
CA THR A 170 13.04 29.29 7.32
C THR A 170 13.26 27.80 7.60
N GLN A 171 12.34 27.22 8.35
CA GLN A 171 12.29 25.77 8.62
C GLN A 171 10.91 25.20 8.18
N GLY A 172 10.87 23.89 7.92
CA GLY A 172 9.67 23.18 7.56
C GLY A 172 9.25 22.14 8.59
N ILE A 173 7.95 21.89 8.64
CA ILE A 173 7.28 21.05 9.63
C ILE A 173 6.17 20.29 8.89
N TRP A 174 6.08 19.00 9.15
CA TRP A 174 4.91 18.26 8.81
C TRP A 174 4.26 17.76 10.08
N LEU A 175 2.96 18.06 10.20
CA LEU A 175 2.13 17.59 11.31
C LEU A 175 1.23 16.44 10.90
N SER A 176 1.44 15.27 11.49
CA SER A 176 0.54 14.16 11.28
C SER A 176 -0.81 14.57 11.86
N PRO A 177 -1.89 13.93 11.42
CA PRO A 177 -3.11 14.03 12.19
C PRO A 177 -2.98 13.32 13.54
N LEU A 178 -3.95 13.62 14.40
CA LEU A 178 -4.13 12.89 15.63
C LEU A 178 -4.56 11.48 15.30
N TYR A 179 -3.71 10.52 15.61
CA TYR A 179 -4.00 9.14 15.36
C TYR A 179 -4.68 8.59 16.58
N PRO A 180 -5.92 8.11 16.44
CA PRO A 180 -6.60 7.55 17.62
C PRO A 180 -6.05 6.19 17.95
N ARG A 181 -6.27 5.79 19.19
CA ARG A 181 -5.88 4.50 19.66
C ARG A 181 -6.80 3.44 19.08
N ILE A 182 -6.25 2.26 18.79
CA ILE A 182 -7.04 1.13 18.38
C ILE A 182 -7.62 0.49 19.65
N ALA A 183 -8.93 0.33 19.68
CA ALA A 183 -9.61 -0.32 20.82
C ALA A 183 -9.07 -1.75 21.08
N ASP A 184 -9.12 -2.18 22.34
CA ASP A 184 -8.31 -3.33 22.80
C ASP A 184 -8.65 -4.65 22.09
N GLY A 185 -9.92 -4.85 21.77
CA GLY A 185 -10.37 -6.09 21.13
C GLY A 185 -10.66 -5.94 19.65
N THR A 186 -10.60 -4.73 19.12
CA THR A 186 -10.71 -4.54 17.67
C THR A 186 -9.42 -5.06 17.01
N HIS A 187 -9.55 -5.76 15.89
CA HIS A 187 -8.39 -6.17 15.09
C HIS A 187 -8.41 -5.36 13.81
N LYS A 188 -7.62 -4.29 13.81
CA LYS A 188 -7.27 -3.59 12.59
C LYS A 188 -5.78 -3.27 12.51
N SER A 189 -5.29 -3.03 11.31
CA SER A 189 -3.86 -2.86 11.11
C SER A 189 -3.47 -1.45 11.56
N GLY A 190 -4.38 -0.51 11.34
CA GLY A 190 -4.06 0.90 11.49
C GLY A 190 -3.16 1.43 10.39
N GLU A 191 -3.01 0.67 9.29
CA GLU A 191 -2.10 1.05 8.21
C GLU A 191 -2.78 1.99 7.20
N SER A 192 -2.00 2.80 6.46
CA SER A 192 -2.53 3.66 5.39
C SER A 192 -2.17 3.15 4.00
N PRO A 193 -2.81 3.67 2.94
CA PRO A 193 -2.44 3.28 1.58
C PRO A 193 -0.95 3.48 1.29
N THR A 194 -0.33 4.44 1.97
CA THR A 194 1.07 4.81 1.75
C THR A 194 2.03 3.98 2.59
N HIS A 195 1.50 3.09 3.42
CA HIS A 195 2.30 2.21 4.27
C HIS A 195 3.15 2.92 5.33
N PHE A 196 2.67 4.09 5.78
CA PHE A 196 3.38 4.90 6.76
C PHE A 196 3.67 4.13 8.04
N LYS A 197 2.69 3.43 8.58
CA LYS A 197 2.85 2.80 9.87
C LYS A 197 3.98 1.79 9.86
N ALA A 198 3.90 0.78 9.01
CA ALA A 198 5.01 -0.18 8.81
C ALA A 198 6.34 0.54 8.52
N ASN A 199 6.34 1.50 7.59
CA ASN A 199 7.56 2.24 7.23
C ASN A 199 8.19 3.00 8.43
N LEU A 200 7.36 3.59 9.27
CA LEU A 200 7.87 4.24 10.45
C LEU A 200 8.47 3.21 11.42
N ILE A 201 7.77 2.10 11.56
CA ILE A 201 8.19 1.06 12.47
C ILE A 201 9.53 0.43 12.05
N SER A 202 9.72 0.23 10.74
CA SER A 202 11.00 -0.26 10.22
C SER A 202 12.08 0.78 10.53
N TYR A 203 11.73 2.08 10.46
CA TYR A 203 12.75 3.14 10.68
C TYR A 203 13.23 3.06 12.13
N LEU A 204 12.28 2.88 13.04
CA LEU A 204 12.56 2.85 14.46
C LEU A 204 13.28 1.54 14.82
N THR A 205 12.81 0.46 14.22
CA THR A 205 13.42 -0.86 14.44
C THR A 205 14.88 -0.91 14.09
N ALA A 206 15.31 -0.11 13.11
CA ALA A 206 16.72 -0.11 12.66
C ALA A 206 17.71 0.44 13.69
N TYR A 207 17.25 1.24 14.66
CA TYR A 207 18.12 1.79 15.70
C TYR A 207 18.60 0.66 16.56
N ASN A 208 17.71 -0.27 16.85
CA ASN A 208 18.02 -1.38 17.73
C ASN A 208 18.05 -1.02 19.21
N ALA A 209 17.22 -0.04 19.59
CA ALA A 209 17.31 0.59 20.87
C ALA A 209 16.16 0.12 21.74
N PRO A 210 16.44 -0.33 22.98
CA PRO A 210 15.35 -0.77 23.89
C PRO A 210 14.33 0.28 24.31
N SER A 211 14.76 1.53 24.42
CA SER A 211 13.87 2.62 24.80
C SER A 211 12.98 2.99 23.61
N LEU A 212 13.41 2.63 22.40
CA LEU A 212 12.53 2.75 21.23
C LEU A 212 11.53 1.60 21.06
N LYS A 213 11.74 0.50 21.78
CA LYS A 213 10.76 -0.59 21.76
C LYS A 213 9.42 -0.12 22.28
N GLU A 214 9.45 0.70 23.31
CA GLU A 214 8.24 1.26 23.88
C GLU A 214 7.50 2.10 22.83
N TRP A 215 8.24 2.84 22.02
CA TRP A 215 7.61 3.71 21.04
C TRP A 215 7.03 2.92 19.87
N ILE A 216 7.76 1.91 19.46
CA ILE A 216 7.27 0.95 18.48
C ILE A 216 5.97 0.30 18.94
N ASP A 217 5.90 -0.18 20.18
CA ASP A 217 4.64 -0.75 20.70
C ASP A 217 3.49 0.28 20.72
N VAL A 218 3.81 1.52 21.03
CA VAL A 218 2.83 2.60 21.06
C VAL A 218 2.31 2.85 19.66
N ILE A 219 3.20 2.89 18.68
CA ILE A 219 2.76 3.05 17.30
C ILE A 219 1.88 1.86 16.86
N HIS A 220 2.26 0.66 17.26
CA HIS A 220 1.44 -0.50 16.97
C HIS A 220 -0.01 -0.35 17.45
N LYS A 221 -0.24 0.28 18.61
CA LYS A 221 -1.60 0.37 19.15
C LYS A 221 -2.42 1.52 18.58
N HIS A 222 -1.86 2.28 17.65
CA HIS A 222 -2.54 3.44 17.09
C HIS A 222 -2.92 3.27 15.61
N ASP A 223 -3.96 3.99 15.21
CA ASP A 223 -4.51 3.92 13.88
C ASP A 223 -3.93 5.05 13.07
N LEU A 224 -3.05 4.72 12.14
CA LEU A 224 -2.39 5.74 11.31
C LEU A 224 -2.96 5.78 9.89
N SER A 225 -4.16 5.23 9.68
CA SER A 225 -4.67 4.97 8.31
C SER A 225 -4.93 6.24 7.49
N GLU A 226 -5.24 7.35 8.14
CA GLU A 226 -5.44 8.64 7.45
C GLU A 226 -4.16 9.21 6.79
N THR A 227 -2.98 8.71 7.13
CA THR A 227 -1.74 9.34 6.67
C THR A 227 -1.63 9.32 5.14
N ASN A 228 -1.52 10.51 4.51
CA ASN A 228 -1.48 10.69 3.03
C ASN A 228 -0.09 11.10 2.50
N VAL A 229 0.97 10.80 3.28
CA VAL A 229 2.36 11.03 2.87
C VAL A 229 3.15 9.72 2.97
N TYR A 230 4.24 9.66 2.20
CA TYR A 230 5.20 8.56 2.26
C TYR A 230 6.45 8.96 3.09
N LEU A 231 6.89 8.04 3.90
CA LEU A 231 8.06 8.24 4.74
C LEU A 231 9.33 7.90 3.93
N ILE A 232 10.29 8.81 3.94
CA ILE A 232 11.60 8.55 3.39
C ILE A 232 12.63 8.68 4.47
N GLY A 233 13.19 7.53 4.86
CA GLY A 233 14.24 7.47 5.88
C GLY A 233 15.64 7.16 5.34
N SER A 234 16.65 7.63 6.05
CA SER A 234 18.03 7.14 5.91
C SER A 234 18.42 6.52 7.24
N THR A 235 19.14 5.41 7.20
CA THR A 235 19.66 4.87 8.42
C THR A 235 21.09 4.41 8.15
N PRO A 236 21.98 4.43 9.17
CA PRO A 236 23.39 4.15 8.82
C PRO A 236 23.59 2.70 8.44
N GLY A 237 24.48 2.43 7.49
CA GLY A 237 24.84 1.06 7.16
C GLY A 237 25.33 0.91 5.72
N ARG A 238 25.51 -0.34 5.34
CA ARG A 238 25.83 -0.72 3.97
C ARG A 238 24.81 -1.78 3.50
N PHE A 239 24.08 -1.48 2.44
CA PHE A 239 22.88 -2.24 2.12
C PHE A 239 23.00 -2.90 0.74
N GLN A 240 22.63 -4.17 0.66
CA GLN A 240 22.85 -4.97 -0.55
C GLN A 240 21.55 -5.52 -1.11
N GLY A 241 21.53 -5.68 -2.43
CA GLY A 241 20.46 -6.36 -3.11
C GLY A 241 19.19 -5.54 -3.03
N SER A 242 18.14 -6.15 -2.46
CA SER A 242 16.83 -5.51 -2.37
C SER A 242 16.77 -4.50 -1.21
N GLN A 243 17.67 -4.63 -0.23
CA GLN A 243 17.74 -3.70 0.90
C GLN A 243 18.27 -2.33 0.51
N LYS A 244 18.94 -2.22 -0.62
CA LYS A 244 19.29 -0.93 -1.18
C LYS A 244 18.07 0.00 -1.27
N ASP A 245 16.89 -0.58 -1.46
CA ASP A 245 15.67 0.21 -1.68
C ASP A 245 15.05 0.74 -0.39
N ASN A 246 15.54 0.29 0.76
CA ASN A 246 14.91 0.62 2.04
C ASN A 246 15.15 2.06 2.49
N TRP A 247 16.24 2.65 2.01
CA TRP A 247 16.76 3.88 2.61
C TRP A 247 17.31 4.86 1.59
N GLY A 248 17.43 6.09 2.02
CA GLY A 248 18.14 7.10 1.26
C GLY A 248 17.56 7.29 -0.12
N HIS A 249 18.41 7.57 -1.10
CA HIS A 249 17.88 8.05 -2.38
C HIS A 249 17.29 6.92 -3.24
N PHE A 250 17.69 5.67 -2.94
CA PHE A 250 17.12 4.48 -3.57
C PHE A 250 15.70 4.25 -3.06
N ARG A 251 15.43 4.60 -1.80
CA ARG A 251 14.06 4.60 -1.27
C ARG A 251 13.16 5.61 -1.99
N LEU A 252 13.66 6.82 -2.21
CA LEU A 252 12.95 7.82 -3.02
C LEU A 252 12.71 7.30 -4.45
N LYS A 253 13.74 6.71 -5.07
CA LYS A 253 13.60 6.20 -6.44
C LYS A 253 12.45 5.18 -6.57
N LYS A 254 12.43 4.23 -5.63
CA LYS A 254 11.43 3.17 -5.59
C LYS A 254 10.02 3.75 -5.41
N LEU A 255 9.87 4.70 -4.50
CA LEU A 255 8.59 5.33 -4.27
C LEU A 255 8.11 6.01 -5.53
N LEU A 256 9.01 6.71 -6.21
CA LEU A 256 8.65 7.43 -7.44
C LEU A 256 8.33 6.47 -8.60
N LYS A 257 8.97 5.31 -8.59
CA LYS A 257 8.77 4.32 -9.65
C LYS A 257 7.37 3.74 -9.50
N ASP A 258 7.01 3.45 -8.25
CA ASP A 258 5.80 2.73 -7.96
C ASP A 258 4.58 3.61 -7.86
N HIS A 259 4.73 4.90 -7.55
CA HIS A 259 3.55 5.69 -7.19
C HIS A 259 3.43 7.04 -7.88
N ALA A 260 4.31 7.27 -8.85
CA ALA A 260 4.17 8.40 -9.75
C ALA A 260 4.16 7.81 -11.15
N SER A 261 3.80 8.61 -12.13
CA SER A 261 3.82 8.10 -13.49
C SER A 261 4.52 9.08 -14.39
N SER A 262 5.13 8.54 -15.43
CA SER A 262 5.81 9.34 -16.44
C SER A 262 4.89 10.42 -17.00
N MET A 263 5.49 11.56 -17.33
CA MET A 263 4.77 12.69 -17.90
C MET A 263 5.21 12.79 -19.36
N PRO A 264 4.27 13.10 -20.28
CA PRO A 264 4.69 13.62 -21.56
C PRO A 264 5.67 14.79 -21.48
N ASN A 265 6.83 14.63 -22.09
CA ASN A 265 7.92 15.59 -22.01
C ASN A 265 8.65 15.52 -20.65
N ALA A 266 8.47 14.40 -19.96
CA ALA A 266 9.13 14.09 -18.69
C ALA A 266 10.51 14.73 -18.62
N GLU A 267 11.26 14.54 -19.70
CA GLU A 267 12.63 15.07 -19.85
C GLU A 267 12.78 16.50 -19.30
N SER A 268 11.76 17.30 -19.47
CA SER A 268 11.94 18.71 -19.32
C SER A 268 11.47 19.22 -17.96
N TRP A 269 11.06 18.31 -17.07
CA TRP A 269 10.64 18.71 -15.71
C TRP A 269 11.89 18.81 -14.82
N PRO A 270 12.33 20.05 -14.50
CA PRO A 270 13.54 20.20 -13.69
C PRO A 270 13.42 19.48 -12.36
N VAL A 271 14.58 19.21 -11.77
CA VAL A 271 14.68 18.78 -10.38
C VAL A 271 15.20 19.97 -9.56
N VAL A 272 14.56 20.26 -8.42
CA VAL A 272 15.00 21.35 -7.52
C VAL A 272 15.41 20.80 -6.13
N GLY A 273 16.67 21.02 -5.75
CA GLY A 273 17.16 20.62 -4.44
C GLY A 273 17.51 21.87 -3.65
N GLN A 274 17.27 21.83 -2.35
CA GLN A 274 17.27 23.05 -1.55
C GLN A 274 17.68 22.63 -0.12
N PHE A 275 18.81 23.17 0.36
CA PHE A 275 19.47 22.58 1.50
C PHE A 275 20.39 23.61 2.20
N SER A 276 20.89 23.27 3.40
CA SER A 276 21.69 24.20 4.17
C SER A 276 23.12 23.72 4.42
N SER A 277 23.42 22.49 4.04
CA SER A 277 24.78 21.98 4.11
C SER A 277 25.11 21.18 2.87
N VAL A 278 26.39 21.21 2.50
CA VAL A 278 26.91 20.56 1.31
C VAL A 278 28.09 19.67 1.65
N GLY A 279 28.00 18.41 1.26
CA GLY A 279 29.01 17.41 1.59
C GLY A 279 30.05 17.36 0.49
N SER A 280 31.01 16.44 0.61
CA SER A 280 32.01 16.24 -0.48
C SER A 280 31.43 15.35 -1.56
N LEU A 281 31.13 15.92 -2.72
CA LEU A 281 30.34 15.20 -3.71
C LEU A 281 31.20 14.50 -4.79
N GLY A 282 32.53 14.68 -4.73
CA GLY A 282 33.48 14.13 -5.70
C GLY A 282 34.13 15.17 -6.61
N ALA A 283 35.08 14.69 -7.43
CA ALA A 283 35.89 15.53 -8.32
C ALA A 283 35.11 16.16 -9.48
N ASP A 284 33.99 15.56 -9.89
CA ASP A 284 33.11 16.15 -10.89
C ASP A 284 31.67 15.62 -10.72
N GLU A 285 30.75 16.14 -11.53
CA GLU A 285 29.33 15.85 -11.36
C GLU A 285 28.92 14.41 -11.65
N SER A 286 29.67 13.71 -12.50
CA SER A 286 29.33 12.33 -12.83
C SER A 286 29.63 11.37 -11.69
N LYS A 287 30.36 11.82 -10.68
CA LYS A 287 30.78 10.89 -9.62
C LYS A 287 29.61 10.46 -8.74
N TRP A 288 28.60 11.31 -8.60
CA TRP A 288 27.47 11.04 -7.69
C TRP A 288 26.25 11.91 -8.02
N LEU A 289 26.47 13.22 -8.16
CA LEU A 289 25.39 14.19 -8.26
C LEU A 289 24.49 13.91 -9.44
N CYS A 290 25.07 13.94 -10.64
CA CYS A 290 24.34 13.75 -11.89
C CYS A 290 24.18 12.27 -12.22
N SER A 291 25.04 11.41 -11.68
CA SER A 291 24.93 9.98 -11.94
C SER A 291 23.89 9.38 -11.03
N GLU A 292 24.19 9.10 -9.77
CA GLU A 292 23.23 8.35 -8.95
C GLU A 292 22.16 9.20 -8.19
N PHE A 293 22.44 10.45 -7.85
CA PHE A 293 21.48 11.29 -7.10
C PHE A 293 20.38 11.85 -7.99
N LYS A 294 20.77 12.52 -9.08
CA LYS A 294 19.78 13.05 -9.99
C LYS A 294 18.98 11.92 -10.66
N GLU A 295 19.61 10.78 -10.93
CA GLU A 295 18.90 9.61 -11.48
C GLU A 295 17.73 9.22 -10.62
N SER A 296 17.99 9.05 -9.33
CA SER A 296 16.94 8.65 -8.40
C SER A 296 15.83 9.71 -8.41
N MET A 297 16.21 10.99 -8.44
CA MET A 297 15.27 12.10 -8.31
C MET A 297 14.41 12.31 -9.55
N LEU A 298 14.91 11.92 -10.72
CA LEU A 298 14.14 12.14 -11.96
C LEU A 298 13.26 10.95 -12.32
N THR A 299 13.43 9.84 -11.64
CA THR A 299 12.55 8.69 -11.79
C THR A 299 11.07 9.07 -11.66
N LEU A 300 10.28 8.61 -12.63
CA LEU A 300 8.81 8.76 -12.66
C LEU A 300 8.16 7.55 -13.30
N GLY A 301 7.49 6.73 -12.49
CA GLY A 301 6.85 5.52 -13.01
C GLY A 301 7.86 4.49 -13.46
N LYS A 302 7.39 3.48 -14.19
CA LYS A 302 8.26 2.45 -14.80
C LYS A 302 8.41 2.73 -16.29
N SER A 310 20.71 12.00 -19.89
CA SER A 310 19.61 12.79 -19.34
C SER A 310 19.92 14.28 -19.24
N SER A 311 19.07 15.11 -19.83
CA SER A 311 19.21 16.56 -19.75
C SER A 311 18.10 17.22 -18.88
N VAL A 312 17.63 16.48 -17.88
CA VAL A 312 16.77 17.07 -16.85
C VAL A 312 17.56 18.18 -16.16
N PRO A 313 17.17 19.46 -16.35
CA PRO A 313 17.82 20.51 -15.53
C PRO A 313 17.79 20.24 -14.01
N LEU A 314 18.92 20.52 -13.34
CA LEU A 314 19.03 20.46 -11.89
C LEU A 314 19.29 21.86 -11.35
N TYR A 315 18.36 22.36 -10.55
CA TYR A 315 18.53 23.64 -9.89
C TYR A 315 18.79 23.42 -8.40
N LEU A 316 19.91 23.95 -7.92
CA LEU A 316 20.27 23.79 -6.51
C LEU A 316 20.15 25.13 -5.80
N ILE A 317 19.36 25.17 -4.73
CA ILE A 317 19.12 26.41 -4.01
C ILE A 317 19.97 26.44 -2.73
N TYR A 318 20.85 27.43 -2.64
CA TYR A 318 21.79 27.52 -1.50
C TYR A 318 22.22 28.98 -1.30
N PRO A 319 22.10 29.51 -0.06
CA PRO A 319 22.31 30.96 0.11
C PRO A 319 23.71 31.47 -0.35
N SER A 320 23.70 32.54 -1.16
CA SER A 320 24.90 33.28 -1.49
C SER A 320 25.43 34.02 -0.27
N VAL A 321 26.67 34.50 -0.37
CA VAL A 321 27.25 35.37 0.66
C VAL A 321 26.35 36.58 0.87
N GLU A 322 25.93 37.17 -0.24
CA GLU A 322 25.08 38.36 -0.23
C GLU A 322 23.72 38.06 0.46
N ASN A 323 23.13 36.88 0.16
CA ASN A 323 21.89 36.45 0.88
C ASN A 323 22.10 36.44 2.41
N VAL A 324 23.20 35.82 2.86
CA VAL A 324 23.52 35.79 4.30
C VAL A 324 23.80 37.19 4.88
N ARG A 325 24.60 37.98 4.15
CA ARG A 325 24.97 39.32 4.61
C ARG A 325 23.77 40.20 4.99
N THR A 326 22.72 40.20 4.15
CA THR A 326 21.56 41.09 4.32
C THR A 326 20.38 40.40 5.00
N SER A 327 20.63 39.22 5.55
CA SER A 327 19.60 38.46 6.24
C SER A 327 19.20 39.15 7.54
N LEU A 328 18.12 38.69 8.15
CA LEU A 328 17.73 39.19 9.44
C LEU A 328 18.82 38.98 10.48
N GLU A 329 19.59 37.90 10.38
CA GLU A 329 20.63 37.63 11.39
C GLU A 329 21.94 38.26 10.97
N GLY A 330 22.08 38.58 9.69
CA GLY A 330 23.38 38.91 9.10
C GLY A 330 24.29 37.70 9.02
N TYR A 331 25.60 37.96 9.05
CA TYR A 331 26.61 36.93 8.85
C TYR A 331 26.46 35.72 9.81
N PRO A 332 25.94 35.94 11.05
CA PRO A 332 25.80 34.80 11.96
C PRO A 332 24.74 33.76 11.53
N ALA A 333 23.90 34.07 10.54
CA ALA A 333 23.09 33.02 9.90
C ALA A 333 24.01 31.94 9.32
N GLY A 334 25.12 32.43 8.79
CA GLY A 334 26.27 31.61 8.39
C GLY A 334 26.68 30.49 9.32
N GLY A 335 26.46 30.65 10.61
CA GLY A 335 26.85 29.59 11.57
C GLY A 335 26.04 28.31 11.42
N SER A 336 24.91 28.40 10.73
CA SER A 336 24.05 27.26 10.42
C SER A 336 24.06 26.86 8.97
N LEU A 337 25.09 27.27 8.24
CA LEU A 337 25.24 26.94 6.82
C LEU A 337 26.68 26.44 6.59
N PRO A 338 27.00 25.27 7.16
CA PRO A 338 28.41 24.94 7.42
C PRO A 338 29.19 24.38 6.20
N TYR A 339 29.20 25.09 5.10
CA TYR A 339 29.95 24.68 3.90
C TYR A 339 31.38 25.18 4.03
N SER A 340 32.31 24.29 4.29
CA SER A 340 33.68 24.71 4.62
C SER A 340 34.51 24.94 3.33
N ILE A 341 35.48 25.87 3.39
CA ILE A 341 36.33 26.19 2.23
C ILE A 341 37.04 24.93 1.66
N GLN A 342 37.46 24.04 2.55
CA GLN A 342 38.19 22.82 2.15
C GLN A 342 37.32 21.93 1.26
N THR A 343 36.08 21.70 1.67
CA THR A 343 35.11 21.00 0.83
C THR A 343 34.87 21.81 -0.44
N ALA A 344 34.59 23.10 -0.35
CA ALA A 344 34.22 23.84 -1.56
C ALA A 344 35.30 23.84 -2.66
N GLU A 345 36.56 24.04 -2.27
CA GLU A 345 37.61 24.22 -3.28
C GLU A 345 37.95 22.92 -4.04
N LYS A 346 37.55 21.77 -3.49
CA LYS A 346 37.55 20.49 -4.23
C LYS A 346 36.51 20.38 -5.33
N GLN A 347 35.49 21.22 -5.32
CA GLN A 347 34.30 20.96 -6.13
C GLN A 347 33.71 22.25 -6.64
N ASN A 348 34.55 23.09 -7.23
CA ASN A 348 34.08 24.34 -7.83
C ASN A 348 33.10 24.14 -8.96
N TRP A 349 33.18 22.95 -9.55
CA TRP A 349 32.27 22.56 -10.63
C TRP A 349 30.79 22.66 -10.16
N LEU A 350 30.55 22.38 -8.88
CA LEU A 350 29.19 22.38 -8.33
C LEU A 350 28.49 23.73 -8.42
N HIS A 351 29.25 24.81 -8.25
CA HIS A 351 28.62 26.08 -7.88
C HIS A 351 27.92 26.74 -9.08
N SER A 352 28.09 26.21 -10.28
CA SER A 352 27.28 26.67 -11.41
C SER A 352 25.87 26.11 -11.42
N TYR A 353 25.57 25.14 -10.56
CA TYR A 353 24.18 24.76 -10.28
C TYR A 353 23.43 25.69 -9.29
N PHE A 354 24.16 26.57 -8.60
CA PHE A 354 23.66 27.25 -7.43
C PHE A 354 22.74 28.44 -7.78
N HIS A 355 21.65 28.52 -7.04
CA HIS A 355 20.64 29.55 -7.19
C HIS A 355 20.40 30.22 -5.83
N LYS A 356 20.05 31.49 -5.86
CA LYS A 356 19.77 32.30 -4.68
C LYS A 356 18.63 31.78 -3.80
N TRP A 357 18.69 32.12 -2.53
CA TRP A 357 17.56 31.94 -1.68
C TRP A 357 16.67 33.12 -1.96
N SER A 358 15.43 32.85 -2.27
CA SER A 358 14.47 33.88 -2.52
C SER A 358 13.10 33.36 -2.12
N ALA A 359 12.39 34.12 -1.29
CA ALA A 359 11.16 33.63 -0.69
C ALA A 359 10.15 34.77 -0.45
N GLU A 360 10.05 35.67 -1.41
CA GLU A 360 9.00 36.70 -1.40
C GLU A 360 7.63 36.09 -1.11
N THR A 361 7.35 34.94 -1.72
CA THR A 361 6.09 34.22 -1.48
C THR A 361 5.72 34.01 -0.01
N SER A 362 6.70 33.75 0.86
CA SER A 362 6.40 33.53 2.28
C SER A 362 7.02 34.59 3.20
N GLY A 363 7.45 35.72 2.63
CA GLY A 363 8.05 36.83 3.37
C GLY A 363 9.38 36.53 4.03
N ARG A 364 10.10 35.57 3.46
CA ARG A 364 11.20 34.93 4.16
C ARG A 364 12.52 34.96 3.36
N SER A 365 12.62 35.89 2.42
CA SER A 365 13.88 36.10 1.67
C SER A 365 15.08 36.40 2.55
N ASN A 366 14.82 37.01 3.70
CA ASN A 366 15.89 37.35 4.62
C ASN A 366 15.89 36.42 5.81
N ALA A 367 15.01 35.42 5.80
CA ALA A 367 15.06 34.36 6.82
C ALA A 367 15.78 33.12 6.23
N MET A 368 17.07 33.01 6.54
CA MET A 368 17.93 32.01 5.90
C MET A 368 17.39 30.57 6.10
N PRO A 369 17.50 29.74 5.05
CA PRO A 369 16.97 28.39 5.03
C PRO A 369 17.78 27.41 5.89
N HIS A 370 17.13 26.78 6.84
CA HIS A 370 17.63 25.54 7.40
C HIS A 370 16.75 24.35 7.02
N ILE A 371 15.58 24.66 6.44
CA ILE A 371 14.73 23.67 5.83
C ILE A 371 15.50 23.03 4.68
N LYS A 372 15.21 21.76 4.45
CA LYS A 372 15.63 21.10 3.21
C LYS A 372 14.43 20.61 2.45
N THR A 373 14.40 20.90 1.15
CA THR A 373 13.34 20.42 0.30
C THR A 373 13.86 19.92 -1.04
N TYR A 374 13.14 18.96 -1.60
CA TYR A 374 13.35 18.58 -3.00
C TYR A 374 12.00 18.38 -3.70
N MET A 375 11.94 18.74 -4.98
CA MET A 375 10.68 18.69 -5.72
C MET A 375 10.86 18.61 -7.24
N ARG A 376 9.77 18.38 -7.96
CA ARG A 376 9.84 18.11 -9.37
C ARG A 376 8.90 19.04 -10.13
N PRO A 377 9.36 20.27 -10.39
CA PRO A 377 8.41 21.20 -10.99
C PRO A 377 8.22 20.88 -12.47
N SER A 378 7.13 21.38 -13.05
CA SER A 378 6.95 21.42 -14.52
C SER A 378 7.84 22.53 -15.07
N PRO A 379 8.08 22.52 -16.39
CA PRO A 379 9.03 23.44 -17.04
C PRO A 379 8.62 24.90 -16.88
N ASP A 380 7.33 25.14 -16.73
CA ASP A 380 6.84 26.49 -16.48
C ASP A 380 6.68 26.82 -14.98
N PHE A 381 6.95 25.86 -14.09
CA PHE A 381 6.91 26.05 -12.63
C PHE A 381 5.54 26.35 -12.01
N SER A 382 4.48 26.16 -12.80
CA SER A 382 3.11 26.34 -12.35
C SER A 382 2.58 25.12 -11.64
N LYS A 383 3.21 23.97 -11.85
CA LYS A 383 2.80 22.78 -11.09
C LYS A 383 4.01 21.90 -10.73
N ILE A 384 3.78 20.94 -9.83
CA ILE A 384 4.83 20.02 -9.39
C ILE A 384 4.32 18.59 -9.31
N ALA A 385 5.21 17.65 -9.62
CA ALA A 385 4.85 16.23 -9.68
C ALA A 385 4.94 15.66 -8.28
N TRP A 386 5.76 16.26 -7.43
CA TRP A 386 5.88 15.83 -6.03
C TRP A 386 6.71 16.83 -5.24
N PHE A 387 6.72 16.67 -3.91
CA PHE A 387 7.42 17.56 -2.97
C PHE A 387 7.89 16.72 -1.78
N LEU A 388 9.14 16.92 -1.39
CA LEU A 388 9.72 16.22 -0.25
C LEU A 388 10.26 17.26 0.72
N VAL A 389 9.90 17.13 1.99
CA VAL A 389 10.53 17.94 3.00
C VAL A 389 11.28 16.99 3.88
N THR A 390 12.54 17.33 4.21
CA THR A 390 13.37 16.34 4.91
C THR A 390 14.47 16.98 5.70
N SER A 391 15.08 16.21 6.62
CA SER A 391 16.31 16.56 7.28
C SER A 391 17.56 16.46 6.37
N ALA A 392 17.46 15.67 5.30
CA ALA A 392 18.66 15.33 4.46
C ALA A 392 19.16 16.49 3.59
N ASN A 393 20.37 16.96 3.91
CA ASN A 393 21.09 17.95 3.09
C ASN A 393 21.69 17.29 1.81
N LEU A 394 22.44 18.06 1.01
CA LEU A 394 23.06 17.53 -0.20
C LEU A 394 24.38 16.87 0.11
N SER A 395 24.28 15.66 0.67
CA SER A 395 25.43 14.87 1.03
C SER A 395 25.23 13.36 0.79
N LYS A 396 26.33 12.68 0.48
CA LYS A 396 26.33 11.23 0.34
C LYS A 396 26.11 10.61 1.72
N ALA A 397 26.57 11.32 2.75
CA ALA A 397 26.39 10.83 4.12
C ALA A 397 24.90 10.69 4.38
N ALA A 398 24.13 11.60 3.80
CA ALA A 398 22.69 11.71 4.11
C ALA A 398 21.84 10.81 3.18
N TRP A 399 22.19 10.81 1.91
CA TRP A 399 21.38 10.24 0.87
C TRP A 399 21.85 8.84 0.52
N GLY A 400 23.14 8.60 0.70
CA GLY A 400 23.71 7.32 0.40
C GLY A 400 24.55 7.39 -0.87
N ALA A 401 25.59 6.58 -0.90
CA ALA A 401 26.37 6.41 -2.15
C ALA A 401 26.81 4.96 -2.32
N LEU A 402 26.91 4.56 -3.59
CA LEU A 402 27.17 3.16 -3.95
C LEU A 402 28.63 2.84 -3.77
N GLU A 403 28.93 1.70 -3.13
CA GLU A 403 30.27 1.15 -3.04
C GLU A 403 30.36 -0.20 -3.78
N LYS A 404 31.58 -0.72 -3.88
CA LYS A 404 31.86 -2.09 -4.43
C LYS A 404 31.12 -2.36 -5.72
N ASN A 405 31.33 -1.48 -6.68
CA ASN A 405 30.76 -1.66 -7.99
C ASN A 405 29.25 -1.89 -7.91
N GLY A 406 28.52 -0.93 -7.34
CA GLY A 406 27.07 -0.86 -7.55
C GLY A 406 26.31 -1.87 -6.73
N THR A 407 27.00 -2.76 -6.03
CA THR A 407 26.35 -3.83 -5.27
C THR A 407 25.92 -3.42 -3.86
N GLN A 408 26.30 -2.22 -3.43
CA GLN A 408 26.23 -1.85 -2.03
C GLN A 408 25.92 -0.35 -1.85
N LEU A 409 24.87 -0.02 -1.10
CA LEU A 409 24.55 1.40 -0.79
C LEU A 409 24.96 1.74 0.63
N MET A 410 25.95 2.63 0.76
CA MET A 410 26.43 3.05 2.06
C MET A 410 25.79 4.38 2.45
N ILE A 411 25.33 4.41 3.69
CA ILE A 411 24.71 5.62 4.29
C ILE A 411 25.33 5.83 5.64
N ARG A 412 25.79 7.04 5.92
CA ARG A 412 26.42 7.34 7.22
C ARG A 412 25.43 7.80 8.30
N SER A 413 24.31 8.38 7.89
CA SER A 413 23.50 9.19 8.83
C SER A 413 22.07 8.68 9.03
N TYR A 414 21.46 9.04 10.17
CA TYR A 414 20.01 8.99 10.27
C TYR A 414 19.37 10.24 9.68
N GLU A 415 18.44 10.06 8.74
CA GLU A 415 17.60 11.15 8.22
C GLU A 415 16.12 10.73 8.12
N LEU A 416 15.24 11.73 8.00
CA LEU A 416 13.82 11.47 7.86
C LEU A 416 13.10 12.65 7.20
N GLY A 417 12.19 12.29 6.29
CA GLY A 417 11.42 13.26 5.52
C GLY A 417 10.11 12.62 5.10
N VAL A 418 9.21 13.45 4.55
CA VAL A 418 7.92 12.97 4.09
C VAL A 418 7.71 13.46 2.67
N LEU A 419 7.24 12.52 1.84
CA LEU A 419 7.06 12.73 0.41
C LEU A 419 5.58 12.99 0.18
N PHE A 420 5.28 14.08 -0.51
CA PHE A 420 3.92 14.39 -0.94
C PHE A 420 3.75 14.00 -2.40
N LEU A 421 2.98 12.94 -2.65
CA LEU A 421 2.64 12.50 -4.03
C LEU A 421 1.17 12.83 -4.40
N PRO A 422 0.96 13.51 -5.54
CA PRO A 422 -0.39 13.71 -6.07
C PRO A 422 -1.26 12.44 -6.04
N SER A 423 -0.71 11.28 -6.42
CA SER A 423 -1.45 10.04 -6.43
C SER A 423 -2.12 9.70 -5.08
N ALA A 424 -1.52 10.09 -3.96
CA ALA A 424 -2.07 9.77 -2.65
C ALA A 424 -3.27 10.65 -2.32
N LEU A 425 -3.48 11.68 -3.13
CA LEU A 425 -4.68 12.54 -3.05
C LEU A 425 -5.60 12.38 -4.26
N GLY A 426 -5.39 11.33 -5.05
CA GLY A 426 -6.14 11.11 -6.27
C GLY A 426 -5.91 12.17 -7.31
N LEU A 427 -4.70 12.72 -7.36
CA LEU A 427 -4.37 13.73 -8.36
C LEU A 427 -3.15 13.27 -9.18
N ASP A 428 -2.80 14.02 -10.23
CA ASP A 428 -1.65 13.72 -11.08
C ASP A 428 -0.50 14.71 -10.83
N SER A 429 -0.87 15.87 -10.29
CA SER A 429 0.09 16.94 -10.01
C SER A 429 -0.57 17.94 -9.08
N PHE A 430 0.24 18.76 -8.41
CA PHE A 430 -0.24 19.81 -7.54
C PHE A 430 -0.01 21.13 -8.28
N LYS A 431 -0.96 22.04 -8.21
CA LYS A 431 -0.71 23.41 -8.66
C LYS A 431 0.11 24.09 -7.57
N VAL A 432 1.06 24.92 -7.99
CA VAL A 432 1.87 25.65 -7.03
C VAL A 432 1.08 26.85 -6.53
N LYS A 433 0.96 27.01 -5.21
CA LYS A 433 0.27 28.17 -4.66
C LYS A 433 1.12 29.39 -4.94
N GLN A 434 0.57 30.45 -5.51
CA GLN A 434 1.41 31.53 -6.06
C GLN A 434 1.43 32.81 -5.21
N ALA A 445 -5.72 21.42 -2.55
CA ALA A 445 -5.34 21.10 -3.92
C ALA A 445 -3.95 21.61 -4.29
N THR A 446 -3.63 22.86 -3.94
CA THR A 446 -2.41 23.50 -4.42
C THR A 446 -1.28 23.52 -3.36
N PHE A 447 -0.08 23.12 -3.76
CA PHE A 447 0.97 22.89 -2.76
C PHE A 447 1.71 24.19 -2.37
N PRO A 448 1.95 24.40 -1.06
CA PRO A 448 2.58 25.64 -0.60
C PRO A 448 4.10 25.58 -0.58
N VAL A 449 4.69 25.77 -1.76
CA VAL A 449 6.13 25.89 -1.93
C VAL A 449 6.60 27.14 -1.19
N PRO A 450 7.53 26.99 -0.22
CA PRO A 450 7.90 28.13 0.65
C PRO A 450 8.86 29.17 0.02
N TYR A 451 9.44 28.84 -1.12
CA TYR A 451 10.32 29.77 -1.80
C TYR A 451 9.79 30.11 -3.19
N ASP A 452 10.44 31.08 -3.82
CA ASP A 452 9.99 31.60 -5.11
C ASP A 452 10.42 30.70 -6.30
N LEU A 453 9.63 30.74 -7.36
CA LEU A 453 9.88 29.98 -8.59
C LEU A 453 9.75 30.93 -9.80
N PRO A 454 10.54 30.74 -10.85
CA PRO A 454 11.63 29.78 -10.92
C PRO A 454 12.81 30.24 -10.07
N PRO A 455 13.76 29.33 -9.79
CA PRO A 455 14.92 29.69 -8.98
C PRO A 455 15.84 30.55 -9.81
N GLU A 456 16.48 31.54 -9.20
CA GLU A 456 17.33 32.50 -9.91
C GLU A 456 18.82 32.20 -9.70
N LEU A 457 19.55 32.22 -10.80
CA LEU A 457 20.94 31.79 -10.81
C LEU A 457 21.75 32.83 -10.06
N TYR A 458 22.71 32.37 -9.27
CA TYR A 458 23.79 33.24 -8.76
C TYR A 458 24.22 34.15 -9.90
N GLY A 459 24.32 35.44 -9.62
CA GLY A 459 24.96 36.39 -10.52
C GLY A 459 26.45 36.07 -10.55
N SER A 460 27.19 36.74 -11.44
CA SER A 460 28.56 36.35 -11.67
C SER A 460 29.48 36.95 -10.61
N LYS A 461 28.99 37.89 -9.83
CA LYS A 461 29.73 38.31 -8.66
C LYS A 461 29.33 37.54 -7.38
N ASP A 462 28.35 36.66 -7.46
CA ASP A 462 27.87 35.97 -6.25
C ASP A 462 28.79 34.81 -5.96
N ARG A 463 28.88 34.43 -4.69
CA ARG A 463 29.56 33.20 -4.35
C ARG A 463 28.75 32.47 -3.29
N PRO A 464 28.88 31.14 -3.23
CA PRO A 464 28.21 30.40 -2.15
C PRO A 464 28.64 30.86 -0.77
N TRP A 465 27.74 30.78 0.21
CA TRP A 465 28.19 30.99 1.57
C TRP A 465 29.14 29.88 2.01
N ILE A 466 30.30 30.28 2.50
CA ILE A 466 31.27 29.38 3.09
C ILE A 466 31.60 29.86 4.48
N TRP A 467 31.40 29.01 5.48
CA TRP A 467 31.28 29.51 6.85
C TRP A 467 32.61 29.90 7.48
N ASN A 468 33.71 29.33 6.98
CA ASN A 468 35.00 29.41 7.70
C ASN A 468 36.08 30.19 6.96
N ILE A 469 35.69 31.16 6.14
CA ILE A 469 36.57 32.23 5.71
C ILE A 469 35.97 33.56 6.17
N PRO A 470 36.79 34.63 6.23
CA PRO A 470 36.31 35.94 6.73
C PRO A 470 35.57 36.69 5.66
N TYR A 471 34.61 37.53 6.04
CA TYR A 471 34.02 38.48 5.13
C TYR A 471 34.10 39.85 5.83
N VAL A 472 34.99 40.72 5.32
CA VAL A 472 35.38 41.93 6.05
C VAL A 472 35.29 43.19 5.16
N LYS A 473 34.63 43.07 4.02
CA LYS A 473 34.60 44.14 3.05
C LYS A 473 33.35 44.95 3.22
N ALA A 474 32.23 44.27 3.38
CA ALA A 474 30.94 44.95 3.53
C ALA A 474 30.26 44.49 4.81
N PRO A 475 29.79 45.45 5.63
CA PRO A 475 29.13 45.09 6.88
C PRO A 475 27.76 44.43 6.65
N ASP A 476 27.34 43.58 7.55
CA ASP A 476 26.04 42.95 7.40
C ASP A 476 24.91 43.85 7.92
N THR A 477 23.71 43.30 7.96
CA THR A 477 22.51 43.92 8.50
C THR A 477 22.71 44.69 9.82
N HIS A 478 23.57 44.16 10.68
CA HIS A 478 23.75 44.70 12.02
C HIS A 478 25.12 45.44 12.14
N GLY A 479 25.68 45.87 11.01
CA GLY A 479 26.95 46.63 10.98
C GLY A 479 28.19 45.79 11.25
N ASN A 480 28.09 44.47 11.18
CA ASN A 480 29.17 43.61 11.65
C ASN A 480 29.92 42.99 10.49
N MET A 481 31.14 42.54 10.78
CA MET A 481 31.90 41.65 9.89
C MET A 481 31.90 40.21 10.43
N TRP A 482 32.41 39.28 9.63
CA TRP A 482 32.48 37.87 9.96
C TRP A 482 33.94 37.40 9.96
N VAL A 483 34.38 36.92 11.13
CA VAL A 483 35.73 36.42 11.32
C VAL A 483 35.67 35.13 12.10
N PRO A 484 35.67 33.97 11.41
CA PRO A 484 35.65 32.71 12.17
C PRO A 484 36.96 32.49 12.89
N SER A 485 36.90 31.78 14.00
CA SER A 485 37.90 31.91 15.04
C SER A 485 37.37 31.18 16.26
N GLY B 38 -20.94 -5.60 11.68
CA GLY B 38 -19.56 -5.27 11.23
C GLY B 38 -18.57 -6.25 11.82
N ASN B 39 -18.55 -7.49 11.30
CA ASN B 39 -17.49 -8.48 11.59
C ASN B 39 -16.38 -8.37 10.55
N PRO B 40 -15.22 -8.97 10.83
CA PRO B 40 -14.02 -8.54 10.11
C PRO B 40 -13.92 -9.13 8.69
N PHE B 41 -14.41 -10.35 8.54
CA PHE B 41 -14.25 -11.08 7.30
C PHE B 41 -15.32 -10.80 6.21
N GLN B 42 -16.57 -10.74 6.61
CA GLN B 42 -17.70 -10.54 5.66
C GLN B 42 -17.73 -11.65 4.60
N PHE B 43 -17.48 -12.87 5.05
CA PHE B 43 -17.40 -14.03 4.19
C PHE B 43 -18.62 -14.86 4.48
N TYR B 44 -19.45 -15.12 3.49
CA TYR B 44 -20.69 -15.85 3.73
C TYR B 44 -20.85 -17.00 2.77
N LEU B 45 -21.60 -18.02 3.19
CA LEU B 45 -22.08 -19.07 2.29
C LEU B 45 -23.49 -18.76 1.80
N THR B 46 -23.82 -19.31 0.62
CA THR B 46 -25.21 -19.26 0.12
C THR B 46 -26.15 -20.12 0.96
N ARG B 47 -27.43 -19.74 0.90
CA ARG B 47 -28.50 -20.55 1.44
C ARG B 47 -28.63 -21.86 0.69
N VAL B 48 -28.73 -22.94 1.46
CA VAL B 48 -28.94 -24.28 0.95
C VAL B 48 -30.32 -24.76 1.39
N SER B 49 -31.20 -25.09 0.45
CA SER B 49 -32.51 -25.65 0.76
C SER B 49 -32.43 -27.08 1.20
N GLY B 50 -33.00 -27.34 2.37
CA GLY B 50 -33.16 -28.70 2.84
C GLY B 50 -32.18 -29.06 3.92
N VAL B 51 -31.37 -28.12 4.40
CA VAL B 51 -30.61 -28.34 5.64
C VAL B 51 -31.36 -27.65 6.79
N LYS B 52 -31.08 -28.06 8.02
CA LYS B 52 -31.69 -27.40 9.20
C LYS B 52 -31.41 -25.89 9.22
N PRO B 53 -32.39 -25.10 9.68
CA PRO B 53 -32.28 -23.64 9.52
C PRO B 53 -31.11 -23.02 10.31
N LYS B 54 -30.58 -23.74 11.28
CA LYS B 54 -29.39 -23.28 11.97
C LYS B 54 -28.17 -23.21 11.03
N TYR B 55 -28.15 -23.96 9.92
CA TYR B 55 -27.03 -23.90 8.98
C TYR B 55 -27.29 -22.88 7.91
N ASN B 56 -28.45 -22.23 7.95
CA ASN B 56 -28.73 -21.12 7.04
C ASN B 56 -28.85 -19.73 7.69
N SER B 57 -28.74 -19.65 9.01
CA SER B 57 -28.79 -18.36 9.69
C SER B 57 -27.36 -17.92 9.80
N GLY B 58 -26.94 -16.97 8.98
CA GLY B 58 -25.53 -16.77 8.74
C GLY B 58 -25.25 -16.81 7.27
N ALA B 59 -26.11 -17.50 6.52
CA ALA B 59 -25.96 -17.66 5.09
C ALA B 59 -26.78 -16.58 4.38
N LEU B 60 -26.47 -16.34 3.13
CA LEU B 60 -27.09 -15.26 2.38
C LEU B 60 -27.67 -15.77 1.07
N HIS B 61 -28.92 -15.42 0.80
CA HIS B 61 -29.47 -15.64 -0.52
C HIS B 61 -29.27 -14.38 -1.35
N ILE B 62 -29.28 -14.50 -2.67
CA ILE B 62 -29.17 -13.36 -3.57
C ILE B 62 -30.21 -12.28 -3.24
N LYS B 63 -31.40 -12.70 -2.86
CA LYS B 63 -32.42 -11.76 -2.43
C LYS B 63 -32.00 -10.97 -1.18
N ASP B 64 -31.38 -11.60 -0.19
CA ASP B 64 -30.81 -10.84 0.93
C ASP B 64 -29.83 -9.78 0.49
N ILE B 65 -29.02 -10.11 -0.50
CA ILE B 65 -27.97 -9.23 -0.98
C ILE B 65 -28.53 -7.98 -1.68
N LEU B 66 -29.62 -8.15 -2.44
CA LEU B 66 -30.22 -7.04 -3.18
C LEU B 66 -31.39 -6.39 -2.44
N SER B 67 -31.59 -6.80 -1.19
CA SER B 67 -32.57 -6.20 -0.29
C SER B 67 -32.45 -4.67 -0.29
N PRO B 68 -33.57 -3.95 -0.01
CA PRO B 68 -33.46 -2.52 0.30
C PRO B 68 -32.89 -2.25 1.69
N LEU B 69 -32.84 -3.26 2.57
CA LEU B 69 -32.08 -3.16 3.83
C LEU B 69 -30.64 -2.72 3.58
N PHE B 70 -30.06 -3.18 2.48
CA PHE B 70 -28.66 -2.86 2.14
C PHE B 70 -28.48 -1.50 1.47
N GLY B 71 -29.58 -0.81 1.14
CA GLY B 71 -29.51 0.54 0.55
C GLY B 71 -30.61 0.84 -0.46
N THR B 72 -30.65 2.08 -0.95
CA THR B 72 -31.53 2.45 -2.07
C THR B 72 -30.82 2.43 -3.41
N LEU B 73 -31.04 1.36 -4.16
CA LEU B 73 -30.30 1.09 -5.39
C LEU B 73 -30.64 2.10 -6.48
N VAL B 74 -29.63 2.86 -6.88
CA VAL B 74 -29.68 3.65 -8.12
C VAL B 74 -29.56 2.73 -9.35
N SER B 75 -28.55 1.86 -9.35
CA SER B 75 -28.21 1.06 -10.54
C SER B 75 -27.17 0.00 -10.18
N SER B 76 -26.88 -0.93 -11.09
CA SER B 76 -26.05 -2.10 -10.77
C SER B 76 -25.40 -2.77 -11.98
N ALA B 77 -24.36 -3.55 -11.72
CA ALA B 77 -23.71 -4.33 -12.78
C ALA B 77 -23.48 -5.73 -12.28
N GLN B 78 -23.71 -6.71 -13.15
CA GLN B 78 -23.59 -8.12 -12.79
C GLN B 78 -22.57 -8.80 -13.67
N PHE B 79 -21.41 -9.08 -13.10
CA PHE B 79 -20.35 -9.81 -13.78
C PHE B 79 -20.61 -11.29 -13.53
N ASN B 80 -20.65 -12.09 -14.60
CA ASN B 80 -20.84 -13.53 -14.43
C ASN B 80 -20.50 -14.30 -15.69
N TYR B 81 -20.78 -15.59 -15.61
CA TYR B 81 -20.57 -16.49 -16.71
C TYR B 81 -21.92 -16.92 -17.32
N CYS B 82 -22.79 -17.54 -16.51
CA CYS B 82 -24.16 -17.94 -16.92
C CYS B 82 -25.24 -17.11 -16.24
N PHE B 83 -26.24 -16.76 -17.02
CA PHE B 83 -27.36 -15.95 -16.55
C PHE B 83 -28.68 -16.61 -16.96
N ASP B 84 -29.60 -16.75 -16.03
CA ASP B 84 -31.02 -16.79 -16.36
C ASP B 84 -31.60 -15.42 -16.03
N VAL B 85 -31.88 -14.62 -17.07
CA VAL B 85 -32.21 -13.20 -16.88
C VAL B 85 -33.57 -13.01 -16.22
N ASP B 86 -34.51 -13.88 -16.58
CA ASP B 86 -35.85 -13.82 -16.04
C ASP B 86 -35.80 -14.14 -14.55
N TRP B 87 -35.05 -15.16 -14.19
CA TRP B 87 -34.77 -15.46 -12.79
C TRP B 87 -34.03 -14.26 -12.12
N LEU B 88 -32.97 -13.77 -12.74
CA LEU B 88 -32.17 -12.69 -12.16
C LEU B 88 -33.05 -11.49 -11.77
N VAL B 89 -33.83 -10.99 -12.72
CA VAL B 89 -34.64 -9.80 -12.48
C VAL B 89 -35.55 -10.01 -11.25
N LYS B 90 -36.06 -11.23 -11.10
CA LYS B 90 -36.93 -11.55 -9.98
C LYS B 90 -36.19 -11.49 -8.64
N GLN B 91 -34.86 -11.52 -8.67
CA GLN B 91 -34.10 -11.45 -7.42
C GLN B 91 -34.00 -10.02 -6.88
N TYR B 92 -34.09 -9.02 -7.76
CA TYR B 92 -34.06 -7.62 -7.31
C TYR B 92 -35.44 -7.29 -6.70
N PRO B 93 -35.49 -6.48 -5.63
CA PRO B 93 -36.80 -6.20 -5.01
C PRO B 93 -37.73 -5.40 -5.94
N PRO B 94 -39.08 -5.62 -5.87
CA PRO B 94 -40.02 -5.01 -6.83
C PRO B 94 -39.64 -3.56 -7.22
N GLU B 95 -39.47 -2.73 -6.19
CA GLU B 95 -39.11 -1.32 -6.34
C GLU B 95 -37.77 -1.03 -7.05
N PHE B 96 -36.86 -2.00 -7.11
CA PHE B 96 -35.57 -1.82 -7.80
C PHE B 96 -35.52 -2.47 -9.18
N ARG B 97 -36.59 -3.14 -9.58
CA ARG B 97 -36.53 -4.03 -10.75
C ARG B 97 -36.30 -3.24 -12.03
N LYS B 98 -36.70 -1.97 -12.03
CA LYS B 98 -36.63 -1.11 -13.22
C LYS B 98 -35.36 -0.25 -13.27
N LYS B 99 -34.54 -0.32 -12.21
CA LYS B 99 -33.26 0.41 -12.16
C LYS B 99 -32.26 -0.26 -13.10
N PRO B 100 -31.38 0.54 -13.74
CA PRO B 100 -30.50 -0.01 -14.79
C PRO B 100 -29.62 -1.15 -14.28
N ILE B 101 -29.49 -2.19 -15.09
CA ILE B 101 -28.63 -3.33 -14.78
C ILE B 101 -27.75 -3.57 -16.01
N LEU B 102 -26.43 -3.57 -15.82
CA LEU B 102 -25.50 -4.01 -16.86
C LEU B 102 -25.09 -5.45 -16.58
N LEU B 103 -25.15 -6.30 -17.60
CA LEU B 103 -24.68 -7.69 -17.49
C LEU B 103 -23.36 -7.84 -18.21
N VAL B 104 -22.28 -8.14 -17.49
CA VAL B 104 -20.97 -8.36 -18.15
C VAL B 104 -20.72 -9.85 -18.31
N HIS B 105 -20.48 -10.28 -19.54
CA HIS B 105 -20.40 -11.71 -19.88
C HIS B 105 -19.28 -11.91 -20.92
N GLY B 106 -19.03 -13.17 -21.30
CA GLY B 106 -18.02 -13.52 -22.32
C GLY B 106 -18.52 -14.38 -23.47
N ASP B 107 -19.84 -14.54 -23.56
CA ASP B 107 -20.49 -15.26 -24.64
C ASP B 107 -20.29 -14.69 -26.06
N LYS B 108 -20.26 -15.59 -27.04
CA LYS B 108 -20.11 -15.22 -28.46
C LYS B 108 -21.28 -15.75 -29.30
N ARG B 109 -21.54 -15.05 -30.41
CA ARG B 109 -22.27 -15.60 -31.56
C ARG B 109 -23.66 -16.08 -31.14
N GLU B 110 -23.86 -17.40 -31.03
CA GLU B 110 -25.19 -17.95 -30.67
C GLU B 110 -25.52 -17.76 -29.16
N ALA B 111 -24.57 -18.09 -28.29
CA ALA B 111 -24.75 -17.85 -26.86
C ALA B 111 -25.10 -16.38 -26.60
N LYS B 112 -24.40 -15.49 -27.30
CA LYS B 112 -24.66 -14.05 -27.23
C LYS B 112 -26.11 -13.68 -27.52
N ALA B 113 -26.59 -14.14 -28.68
CA ALA B 113 -27.95 -13.85 -29.13
C ALA B 113 -29.00 -14.42 -28.16
N HIS B 114 -28.79 -15.63 -27.67
CA HIS B 114 -29.67 -16.20 -26.66
C HIS B 114 -29.79 -15.24 -25.49
N LEU B 115 -28.66 -14.67 -25.07
CA LEU B 115 -28.63 -13.77 -23.91
C LEU B 115 -29.24 -12.40 -24.25
N HIS B 116 -28.96 -11.87 -25.43
CA HIS B 116 -29.65 -10.68 -25.92
C HIS B 116 -31.17 -10.89 -25.97
N ALA B 117 -31.60 -12.02 -26.53
CA ALA B 117 -33.02 -12.36 -26.58
C ALA B 117 -33.63 -12.33 -25.18
N GLN B 118 -32.98 -13.04 -24.25
CA GLN B 118 -33.32 -12.98 -22.82
C GLN B 118 -33.40 -11.53 -22.30
N ALA B 119 -32.53 -10.67 -22.80
CA ALA B 119 -32.41 -9.30 -22.30
C ALA B 119 -33.56 -8.41 -22.77
N LYS B 120 -34.14 -8.76 -23.91
CA LYS B 120 -35.01 -7.86 -24.66
C LYS B 120 -36.30 -7.47 -23.91
N PRO B 121 -36.99 -8.42 -23.25
CA PRO B 121 -38.17 -7.95 -22.53
C PRO B 121 -37.93 -6.74 -21.61
N TYR B 122 -36.69 -6.54 -21.15
CA TYR B 122 -36.36 -5.51 -20.15
C TYR B 122 -35.53 -4.37 -20.76
N GLU B 123 -36.13 -3.19 -20.86
CA GLU B 123 -35.48 -2.02 -21.48
C GLU B 123 -34.40 -1.39 -20.58
N ASN B 124 -34.47 -1.65 -19.28
CA ASN B 124 -33.45 -1.16 -18.35
C ASN B 124 -32.19 -2.03 -18.28
N ILE B 125 -31.97 -2.90 -19.27
CA ILE B 125 -30.90 -3.90 -19.21
C ILE B 125 -29.97 -3.84 -20.40
N SER B 126 -28.83 -3.21 -20.20
CA SER B 126 -27.73 -3.28 -21.15
C SER B 126 -26.86 -4.52 -20.92
N LEU B 127 -26.02 -4.80 -21.91
CA LEU B 127 -25.10 -5.91 -21.85
C LEU B 127 -23.72 -5.45 -22.23
N CYS B 128 -22.70 -6.05 -21.63
CA CYS B 128 -21.33 -5.78 -22.02
C CYS B 128 -20.61 -7.09 -22.29
N GLN B 129 -20.19 -7.30 -23.53
CA GLN B 129 -19.44 -8.51 -23.87
C GLN B 129 -17.98 -8.28 -23.61
N ALA B 130 -17.48 -8.87 -22.54
CA ALA B 130 -16.04 -8.86 -22.30
C ALA B 130 -15.32 -9.58 -23.43
N LYS B 131 -14.35 -8.91 -24.03
CA LYS B 131 -13.48 -9.51 -25.05
C LYS B 131 -12.63 -10.66 -24.50
N LEU B 132 -12.63 -11.75 -25.24
CA LEU B 132 -11.80 -12.91 -24.93
C LEU B 132 -11.06 -13.19 -26.22
N ASP B 133 -9.82 -12.73 -26.30
CA ASP B 133 -9.09 -12.68 -27.56
C ASP B 133 -8.05 -13.76 -27.62
N ILE B 134 -7.94 -14.57 -26.56
CA ILE B 134 -7.23 -15.83 -26.70
C ILE B 134 -8.14 -17.04 -26.49
N ALA B 135 -7.85 -18.12 -27.20
CA ALA B 135 -8.75 -19.25 -27.36
C ALA B 135 -8.92 -20.06 -26.06
N PHE B 136 -10.12 -20.62 -25.88
CA PHE B 136 -10.50 -21.47 -24.74
C PHE B 136 -10.63 -20.68 -23.43
N GLY B 137 -11.08 -19.44 -23.55
CA GLY B 137 -11.08 -18.54 -22.42
C GLY B 137 -12.48 -18.21 -21.96
N THR B 138 -12.68 -18.08 -20.67
CA THR B 138 -13.99 -17.81 -20.13
C THR B 138 -14.01 -16.55 -19.28
N HIS B 139 -15.07 -15.77 -19.38
CA HIS B 139 -15.43 -14.82 -18.34
C HIS B 139 -16.04 -15.58 -17.16
N HIS B 140 -15.16 -16.05 -16.26
CA HIS B 140 -15.57 -16.80 -15.05
C HIS B 140 -15.94 -15.91 -13.84
N THR B 141 -15.51 -14.66 -13.88
CA THR B 141 -15.58 -13.76 -12.72
C THR B 141 -17.02 -13.56 -12.28
N LYS B 142 -17.24 -13.57 -10.99
CA LYS B 142 -18.58 -13.36 -10.47
C LYS B 142 -18.57 -12.23 -9.45
N MET B 143 -19.12 -11.09 -9.87
CA MET B 143 -19.11 -9.87 -9.04
C MET B 143 -20.38 -9.02 -9.28
N MET B 144 -20.84 -8.37 -8.24
CA MET B 144 -21.90 -7.38 -8.36
C MET B 144 -21.34 -6.04 -7.95
N LEU B 145 -21.56 -5.02 -8.78
CA LEU B 145 -21.40 -3.64 -8.34
C LEU B 145 -22.76 -3.00 -8.07
N LEU B 146 -22.94 -2.47 -6.87
CA LEU B 146 -24.27 -2.10 -6.40
C LEU B 146 -24.25 -0.62 -5.99
N LEU B 147 -24.74 0.23 -6.88
CA LEU B 147 -24.65 1.65 -6.67
C LEU B 147 -25.92 2.11 -5.98
N TYR B 148 -25.75 2.80 -4.87
CA TYR B 148 -26.85 3.17 -4.02
C TYR B 148 -26.88 4.70 -3.92
N GLU B 149 -27.98 5.23 -3.41
CA GLU B 149 -28.05 6.68 -3.14
C GLU B 149 -27.08 7.09 -2.04
N GLU B 150 -26.83 6.19 -1.11
CA GLU B 150 -25.97 6.47 0.03
C GLU B 150 -24.60 5.76 -0.09
N GLY B 151 -24.31 5.20 -1.26
CA GLY B 151 -22.94 4.81 -1.60
C GLY B 151 -22.80 3.62 -2.53
N LEU B 152 -21.77 2.80 -2.28
CA LEU B 152 -21.35 1.74 -3.20
C LEU B 152 -20.95 0.47 -2.46
N ARG B 153 -21.40 -0.67 -2.98
CA ARG B 153 -21.03 -1.97 -2.43
C ARG B 153 -20.50 -2.83 -3.55
N VAL B 154 -19.49 -3.63 -3.23
CA VAL B 154 -18.90 -4.60 -4.15
C VAL B 154 -19.08 -6.00 -3.56
N VAL B 155 -19.59 -6.92 -4.37
CA VAL B 155 -19.84 -8.28 -3.95
C VAL B 155 -19.05 -9.14 -4.91
N ILE B 156 -18.18 -9.97 -4.37
CA ILE B 156 -17.42 -10.92 -5.16
C ILE B 156 -17.68 -12.31 -4.62
N HIS B 157 -18.03 -13.24 -5.52
CA HIS B 157 -18.67 -14.50 -5.11
C HIS B 157 -18.42 -15.59 -6.14
N THR B 158 -19.05 -16.74 -5.97
CA THR B 158 -18.71 -17.91 -6.77
C THR B 158 -19.88 -18.46 -7.57
N SER B 159 -21.06 -17.87 -7.44
CA SER B 159 -22.30 -18.42 -8.01
C SER B 159 -22.70 -17.78 -9.36
N ASN B 160 -23.09 -18.63 -10.32
CA ASN B 160 -23.73 -18.16 -11.54
C ASN B 160 -25.11 -17.64 -11.22
N LEU B 161 -25.64 -16.80 -12.12
CA LEU B 161 -26.96 -16.21 -11.91
C LEU B 161 -28.08 -17.12 -12.45
N ILE B 162 -28.10 -18.34 -11.94
CA ILE B 162 -29.14 -19.31 -12.22
C ILE B 162 -29.58 -19.96 -10.91
N HIS B 163 -30.82 -20.47 -10.93
CA HIS B 163 -31.52 -20.89 -9.73
C HIS B 163 -30.73 -21.98 -9.02
N ALA B 164 -30.25 -22.94 -9.79
CA ALA B 164 -29.61 -24.13 -9.27
C ALA B 164 -28.33 -23.81 -8.50
N ASP B 165 -27.69 -22.70 -8.83
CA ASP B 165 -26.41 -22.35 -8.23
C ASP B 165 -26.59 -21.78 -6.81
N TRP B 166 -27.80 -21.27 -6.53
CA TRP B 166 -28.09 -20.71 -5.22
C TRP B 166 -29.04 -21.58 -4.46
N HIS B 167 -29.29 -22.80 -4.95
CA HIS B 167 -30.37 -23.65 -4.43
C HIS B 167 -29.81 -24.64 -3.35
N GLN B 168 -28.91 -25.53 -3.76
CA GLN B 168 -28.43 -26.60 -2.88
C GLN B 168 -26.88 -26.87 -3.01
N LYS B 169 -26.15 -25.85 -3.46
CA LYS B 169 -24.68 -25.87 -3.53
C LYS B 169 -24.00 -25.14 -2.37
N THR B 170 -22.77 -25.58 -2.02
CA THR B 170 -21.88 -24.74 -1.24
C THR B 170 -21.18 -23.68 -2.13
N GLN B 171 -21.55 -22.42 -1.92
CA GLN B 171 -20.97 -21.26 -2.62
C GLN B 171 -20.48 -20.24 -1.59
N GLY B 172 -19.53 -19.41 -1.98
CA GLY B 172 -18.96 -18.40 -1.11
C GLY B 172 -19.18 -17.00 -1.64
N ILE B 173 -19.26 -16.06 -0.71
CA ILE B 173 -19.54 -14.66 -0.97
C ILE B 173 -18.62 -13.80 -0.11
N TRP B 174 -18.17 -12.68 -0.68
CA TRP B 174 -17.57 -11.61 0.07
C TRP B 174 -18.35 -10.32 -0.11
N LEU B 175 -18.70 -9.68 1.00
CA LEU B 175 -19.46 -8.42 1.02
C LEU B 175 -18.55 -7.28 1.43
N SER B 176 -18.21 -6.40 0.49
CA SER B 176 -17.59 -5.13 0.82
C SER B 176 -18.48 -4.39 1.82
N PRO B 177 -17.89 -3.50 2.62
CA PRO B 177 -18.71 -2.58 3.37
C PRO B 177 -19.37 -1.57 2.43
N LEU B 178 -20.25 -0.75 2.97
CA LEU B 178 -20.88 0.30 2.19
C LEU B 178 -19.83 1.38 2.02
N TYR B 179 -19.42 1.65 0.79
CA TYR B 179 -18.40 2.66 0.54
C TYR B 179 -19.04 4.05 0.36
N PRO B 180 -18.76 5.01 1.27
CA PRO B 180 -19.40 6.32 1.09
C PRO B 180 -18.82 7.08 -0.08
N ARG B 181 -19.50 8.11 -0.57
CA ARG B 181 -18.96 8.91 -1.68
C ARG B 181 -17.99 9.96 -1.14
N ILE B 182 -16.95 10.28 -1.89
CA ILE B 182 -16.08 11.40 -1.54
C ILE B 182 -16.80 12.69 -1.96
N ALA B 183 -17.00 13.61 -1.02
CA ALA B 183 -17.64 14.90 -1.30
C ALA B 183 -16.84 15.69 -2.34
N ASP B 184 -17.54 16.40 -3.23
CA ASP B 184 -16.99 16.91 -4.51
C ASP B 184 -15.75 17.78 -4.36
N GLY B 185 -15.70 18.55 -3.29
CA GLY B 185 -14.63 19.50 -3.07
C GLY B 185 -13.40 18.85 -2.49
N THR B 186 -13.55 17.65 -1.95
CA THR B 186 -12.49 17.03 -1.16
C THR B 186 -11.58 16.23 -2.09
N HIS B 187 -10.30 16.19 -1.71
CA HIS B 187 -9.24 15.60 -2.51
C HIS B 187 -8.60 14.54 -1.63
N LYS B 188 -9.15 13.34 -1.71
CA LYS B 188 -8.62 12.16 -1.03
C LYS B 188 -8.72 10.99 -1.99
N SER B 189 -7.94 9.95 -1.74
CA SER B 189 -7.74 8.92 -2.75
C SER B 189 -8.86 7.89 -2.65
N GLY B 190 -9.42 7.74 -1.46
CA GLY B 190 -10.36 6.67 -1.19
C GLY B 190 -9.73 5.28 -1.10
N GLU B 191 -8.40 5.21 -1.05
CA GLU B 191 -7.65 3.93 -1.18
C GLU B 191 -7.47 3.28 0.19
N SER B 192 -7.27 1.96 0.21
CA SER B 192 -7.02 1.26 1.47
C SER B 192 -5.58 0.81 1.56
N PRO B 193 -5.13 0.39 2.73
CA PRO B 193 -3.79 -0.20 2.84
C PRO B 193 -3.53 -1.38 1.84
N THR B 194 -4.58 -2.09 1.44
CA THR B 194 -4.45 -3.27 0.64
C THR B 194 -4.46 -2.88 -0.83
N HIS B 195 -4.72 -1.60 -1.10
CA HIS B 195 -4.74 -1.05 -2.47
C HIS B 195 -5.88 -1.61 -3.34
N PHE B 196 -6.96 -2.04 -2.67
CA PHE B 196 -8.12 -2.58 -3.35
C PHE B 196 -8.62 -1.67 -4.46
N LYS B 197 -8.79 -0.39 -4.14
CA LYS B 197 -9.43 0.56 -5.06
C LYS B 197 -8.70 0.69 -6.39
N ALA B 198 -7.40 1.00 -6.36
CA ALA B 198 -6.58 0.95 -7.61
C ALA B 198 -6.60 -0.45 -8.25
N ASN B 199 -6.46 -1.52 -7.46
CA ASN B 199 -6.50 -2.89 -8.02
C ASN B 199 -7.84 -3.31 -8.72
N LEU B 200 -8.97 -2.94 -8.15
CA LEU B 200 -10.23 -3.12 -8.84
C LEU B 200 -10.32 -2.30 -10.15
N ILE B 201 -9.84 -1.06 -10.12
CA ILE B 201 -9.88 -0.18 -11.27
C ILE B 201 -9.03 -0.73 -12.42
N SER B 202 -7.84 -1.26 -12.11
CA SER B 202 -7.01 -1.95 -13.12
C SER B 202 -7.74 -3.12 -13.69
N TYR B 203 -8.39 -3.89 -12.84
CA TYR B 203 -9.11 -5.08 -13.29
C TYR B 203 -10.16 -4.66 -14.32
N LEU B 204 -11.02 -3.72 -13.95
CA LEU B 204 -12.06 -3.30 -14.88
C LEU B 204 -11.44 -2.64 -16.12
N THR B 205 -10.39 -1.83 -15.94
CA THR B 205 -9.72 -1.16 -17.04
C THR B 205 -9.23 -2.15 -18.10
N ALA B 206 -8.80 -3.35 -17.72
CA ALA B 206 -8.27 -4.31 -18.69
C ALA B 206 -9.33 -4.82 -19.71
N TYR B 207 -10.61 -4.82 -19.34
CA TYR B 207 -11.71 -5.11 -20.29
C TYR B 207 -11.69 -4.16 -21.49
N ASN B 208 -11.60 -2.87 -21.19
CA ASN B 208 -11.63 -1.84 -22.23
C ASN B 208 -13.03 -1.57 -22.77
N ALA B 209 -14.05 -1.62 -21.90
CA ALA B 209 -15.44 -1.49 -22.31
C ALA B 209 -16.00 -0.12 -21.93
N PRO B 210 -16.68 0.56 -22.88
CA PRO B 210 -17.20 1.90 -22.56
C PRO B 210 -18.27 1.93 -21.46
N SER B 211 -19.06 0.85 -21.37
CA SER B 211 -20.07 0.71 -20.32
C SER B 211 -19.43 0.56 -18.93
N LEU B 212 -18.19 0.04 -18.89
CA LEU B 212 -17.46 -0.10 -17.63
C LEU B 212 -16.75 1.20 -17.19
N LYS B 213 -16.34 2.02 -18.16
CA LYS B 213 -16.01 3.42 -17.91
C LYS B 213 -16.94 4.08 -16.87
N GLU B 214 -18.25 4.00 -17.08
CA GLU B 214 -19.18 4.56 -16.10
C GLU B 214 -18.90 4.06 -14.68
N TRP B 215 -18.58 2.77 -14.55
CA TRP B 215 -18.44 2.11 -13.26
C TRP B 215 -17.09 2.37 -12.62
N ILE B 216 -16.03 2.41 -13.43
CA ILE B 216 -14.73 2.95 -13.04
C ILE B 216 -14.85 4.35 -12.40
N ASP B 217 -15.40 5.31 -13.14
CA ASP B 217 -15.69 6.65 -12.60
C ASP B 217 -16.51 6.64 -11.28
N VAL B 218 -17.50 5.77 -11.19
CA VAL B 218 -18.28 5.62 -9.95
C VAL B 218 -17.34 5.22 -8.80
N ILE B 219 -16.48 4.24 -9.06
CA ILE B 219 -15.50 3.77 -8.09
C ILE B 219 -14.57 4.91 -7.66
N HIS B 220 -14.04 5.61 -8.66
CA HIS B 220 -13.21 6.80 -8.46
C HIS B 220 -13.81 7.80 -7.47
N LYS B 221 -15.13 7.99 -7.49
CA LYS B 221 -15.80 8.95 -6.58
C LYS B 221 -16.16 8.37 -5.21
N HIS B 222 -15.81 7.11 -4.98
CA HIS B 222 -16.13 6.46 -3.71
C HIS B 222 -14.89 6.14 -2.85
N ASP B 223 -15.10 6.18 -1.54
CA ASP B 223 -14.06 5.88 -0.56
C ASP B 223 -14.07 4.39 -0.20
N LEU B 224 -13.02 3.69 -0.65
CA LEU B 224 -12.86 2.25 -0.41
C LEU B 224 -11.80 1.92 0.66
N SER B 225 -11.48 2.90 1.52
CA SER B 225 -10.32 2.82 2.42
C SER B 225 -10.45 1.76 3.52
N GLU B 226 -11.71 1.43 3.87
CA GLU B 226 -11.96 0.43 4.92
C GLU B 226 -11.66 -0.98 4.44
N THR B 227 -11.60 -1.20 3.13
CA THR B 227 -11.40 -2.56 2.62
C THR B 227 -10.18 -3.23 3.25
N ASN B 228 -10.40 -4.38 3.89
CA ASN B 228 -9.35 -5.13 4.57
C ASN B 228 -8.98 -6.48 3.88
N VAL B 229 -9.30 -6.60 2.60
CA VAL B 229 -8.91 -7.75 1.79
C VAL B 229 -8.08 -7.30 0.59
N TYR B 230 -7.34 -8.27 0.02
CA TYR B 230 -6.66 -8.11 -1.26
C TYR B 230 -7.37 -8.79 -2.44
N LEU B 231 -7.45 -8.04 -3.54
CA LEU B 231 -8.05 -8.46 -4.79
C LEU B 231 -7.07 -9.31 -5.62
N ILE B 232 -7.49 -10.52 -6.00
CA ILE B 232 -6.67 -11.36 -6.89
C ILE B 232 -7.42 -11.67 -8.16
N GLY B 233 -7.11 -10.91 -9.20
CA GLY B 233 -7.78 -11.01 -10.48
C GLY B 233 -6.97 -11.86 -11.44
N SER B 234 -7.67 -12.46 -12.41
CA SER B 234 -7.12 -12.99 -13.66
C SER B 234 -7.79 -12.27 -14.84
N THR B 235 -6.99 -11.87 -15.82
CA THR B 235 -7.54 -11.22 -16.99
C THR B 235 -6.80 -11.72 -18.22
N PRO B 236 -7.54 -11.95 -19.31
CA PRO B 236 -6.93 -12.63 -20.45
C PRO B 236 -5.73 -11.87 -20.98
N GLY B 237 -4.63 -12.56 -21.23
CA GLY B 237 -3.53 -11.96 -21.92
C GLY B 237 -2.23 -12.71 -21.72
N ARG B 238 -1.14 -12.07 -22.12
CA ARG B 238 0.22 -12.60 -21.94
C ARG B 238 1.07 -11.51 -21.30
N PHE B 239 1.67 -11.80 -20.15
CA PHE B 239 2.15 -10.75 -19.25
C PHE B 239 3.63 -10.91 -18.92
N GLN B 240 4.39 -9.83 -19.11
CA GLN B 240 5.83 -9.90 -18.99
C GLN B 240 6.39 -8.77 -18.18
N GLY B 241 7.59 -9.00 -17.65
CA GLY B 241 8.34 -8.02 -16.87
C GLY B 241 7.64 -7.75 -15.54
N SER B 242 7.36 -6.47 -15.32
CA SER B 242 6.58 -6.00 -14.16
C SER B 242 5.17 -6.56 -14.16
N GLN B 243 4.59 -6.65 -15.36
CA GLN B 243 3.15 -6.92 -15.54
C GLN B 243 2.81 -8.35 -15.14
N LYS B 244 3.80 -9.22 -15.24
CA LYS B 244 3.71 -10.58 -14.70
C LYS B 244 2.89 -10.65 -13.41
N ASP B 245 3.19 -9.74 -12.50
CA ASP B 245 2.70 -9.81 -11.13
C ASP B 245 1.28 -9.26 -10.96
N ASN B 246 0.71 -8.68 -12.01
CA ASN B 246 -0.58 -8.05 -11.91
C ASN B 246 -1.74 -9.02 -11.69
N TRP B 247 -1.55 -10.27 -12.15
CA TRP B 247 -2.64 -11.20 -12.39
C TRP B 247 -2.29 -12.67 -12.10
N GLY B 248 -3.33 -13.46 -11.80
CA GLY B 248 -3.20 -14.91 -11.67
C GLY B 248 -2.34 -15.28 -10.47
N HIS B 249 -1.63 -16.41 -10.59
CA HIS B 249 -0.89 -16.94 -9.44
C HIS B 249 0.39 -16.19 -9.15
N PHE B 250 0.81 -15.31 -10.05
CA PHE B 250 1.93 -14.40 -9.77
C PHE B 250 1.48 -13.19 -8.95
N ARG B 251 0.24 -12.77 -9.18
CA ARG B 251 -0.44 -11.85 -8.31
C ARG B 251 -0.49 -12.40 -6.90
N LEU B 252 -0.84 -13.68 -6.75
CA LEU B 252 -0.91 -14.28 -5.41
C LEU B 252 0.46 -14.30 -4.76
N LYS B 253 1.46 -14.71 -5.55
CA LYS B 253 2.83 -14.90 -5.04
C LYS B 253 3.39 -13.61 -4.45
N LYS B 254 3.18 -12.53 -5.22
CA LYS B 254 3.65 -11.22 -4.86
C LYS B 254 2.97 -10.72 -3.57
N LEU B 255 1.66 -10.91 -3.48
CA LEU B 255 0.97 -10.58 -2.25
C LEU B 255 1.50 -11.33 -1.04
N LEU B 256 1.78 -12.62 -1.20
CA LEU B 256 2.23 -13.43 -0.07
C LEU B 256 3.67 -13.07 0.32
N LYS B 257 4.45 -12.69 -0.68
CA LYS B 257 5.81 -12.23 -0.47
C LYS B 257 5.83 -10.94 0.34
N ASP B 258 4.95 -10.02 0.01
CA ASP B 258 5.01 -8.68 0.58
C ASP B 258 4.24 -8.53 1.91
N HIS B 259 3.30 -9.44 2.20
CA HIS B 259 2.33 -9.18 3.27
C HIS B 259 2.08 -10.32 4.21
N ALA B 260 2.82 -11.43 4.05
CA ALA B 260 2.80 -12.51 5.03
C ALA B 260 4.22 -12.83 5.48
N SER B 261 4.34 -13.61 6.55
CA SER B 261 5.63 -13.94 7.14
C SER B 261 5.80 -15.43 7.32
N SER B 262 6.93 -15.93 6.83
CA SER B 262 7.39 -17.24 7.25
C SER B 262 7.33 -17.31 8.75
N MET B 263 6.71 -18.37 9.24
CA MET B 263 6.91 -18.84 10.59
C MET B 263 8.14 -19.72 10.51
N PRO B 264 8.79 -19.95 11.65
CA PRO B 264 9.67 -21.11 11.72
C PRO B 264 8.93 -22.36 11.26
N ASN B 265 9.63 -23.27 10.61
CA ASN B 265 9.11 -24.61 10.37
C ASN B 265 8.05 -24.64 9.24
N ALA B 266 7.94 -23.54 8.51
CA ALA B 266 6.86 -23.32 7.54
C ALA B 266 6.62 -24.50 6.59
N GLU B 267 7.69 -25.15 6.15
CA GLU B 267 7.58 -26.21 5.16
C GLU B 267 6.65 -27.31 5.67
N SER B 268 6.40 -27.31 6.97
CA SER B 268 5.44 -28.19 7.57
C SER B 268 3.97 -27.72 7.42
N TRP B 269 3.72 -26.58 6.75
CA TRP B 269 2.36 -25.99 6.67
C TRP B 269 1.63 -26.37 5.37
N PRO B 270 0.57 -27.19 5.46
CA PRO B 270 0.07 -27.67 4.16
C PRO B 270 -0.50 -26.55 3.29
N VAL B 271 -0.61 -26.82 1.99
CA VAL B 271 -1.44 -26.01 1.12
C VAL B 271 -2.74 -26.80 0.88
N VAL B 272 -3.90 -26.15 1.02
CA VAL B 272 -5.19 -26.78 0.64
C VAL B 272 -5.83 -26.04 -0.54
N GLY B 273 -6.12 -26.79 -1.61
CA GLY B 273 -6.88 -26.30 -2.75
C GLY B 273 -8.22 -27.03 -2.87
N GLN B 274 -9.27 -26.29 -3.18
CA GLN B 274 -10.65 -26.80 -3.11
C GLN B 274 -11.43 -26.17 -4.26
N PHE B 275 -11.85 -26.98 -5.21
CA PHE B 275 -12.28 -26.45 -6.50
C PHE B 275 -13.36 -27.37 -7.08
N SER B 276 -14.02 -26.90 -8.13
CA SER B 276 -15.12 -27.65 -8.72
C SER B 276 -14.85 -28.11 -10.19
N SER B 277 -13.75 -27.64 -10.76
CA SER B 277 -13.24 -28.16 -12.03
C SER B 277 -11.73 -28.30 -12.00
N VAL B 278 -11.23 -29.23 -12.81
CA VAL B 278 -9.78 -29.40 -13.05
C VAL B 278 -9.46 -29.25 -14.53
N GLY B 279 -8.39 -28.53 -14.82
CA GLY B 279 -7.95 -28.34 -16.18
C GLY B 279 -6.96 -29.44 -16.55
N SER B 280 -6.45 -29.37 -17.78
CA SER B 280 -5.37 -30.26 -18.21
C SER B 280 -4.03 -29.78 -17.66
N LEU B 281 -3.45 -30.54 -16.74
CA LEU B 281 -2.31 -30.02 -15.98
C LEU B 281 -0.98 -30.53 -16.50
N GLY B 282 -1.02 -31.45 -17.46
CA GLY B 282 0.19 -32.02 -18.03
C GLY B 282 0.43 -33.45 -17.57
N ALA B 283 1.55 -34.01 -18.03
CA ALA B 283 1.81 -35.45 -17.97
C ALA B 283 2.27 -35.91 -16.57
N ASP B 284 2.82 -35.00 -15.79
CA ASP B 284 3.15 -35.28 -14.40
C ASP B 284 3.10 -33.99 -13.58
N GLU B 285 3.29 -34.14 -12.26
CA GLU B 285 3.14 -33.02 -11.36
C GLU B 285 4.21 -31.91 -11.51
N SER B 286 5.40 -32.26 -12.04
CA SER B 286 6.46 -31.25 -12.19
C SER B 286 6.16 -30.25 -13.32
N LYS B 287 5.21 -30.56 -14.19
CA LYS B 287 4.93 -29.71 -15.35
C LYS B 287 4.35 -28.33 -14.99
N TRP B 288 3.52 -28.26 -13.93
CA TRP B 288 2.88 -26.98 -13.57
C TRP B 288 2.37 -26.95 -12.13
N LEU B 289 1.69 -28.03 -11.71
CA LEU B 289 1.15 -28.16 -10.35
C LEU B 289 2.18 -27.95 -9.25
N CYS B 290 3.22 -28.78 -9.23
CA CYS B 290 4.14 -28.78 -8.09
C CYS B 290 5.33 -27.89 -8.36
N SER B 291 5.45 -27.40 -9.59
CA SER B 291 6.55 -26.50 -9.95
C SER B 291 6.08 -25.07 -9.79
N GLU B 292 5.20 -24.65 -10.70
CA GLU B 292 4.85 -23.25 -10.97
C GLU B 292 3.66 -22.78 -10.05
N PHE B 293 2.65 -23.64 -9.89
CA PHE B 293 1.45 -23.31 -9.09
C PHE B 293 1.72 -23.45 -7.60
N LYS B 294 2.22 -24.60 -7.16
CA LYS B 294 2.48 -24.77 -5.73
C LYS B 294 3.59 -23.85 -5.22
N GLU B 295 4.49 -23.43 -6.11
CA GLU B 295 5.52 -22.47 -5.69
C GLU B 295 4.88 -21.16 -5.28
N SER B 296 3.99 -20.64 -6.12
CA SER B 296 3.31 -19.39 -5.85
C SER B 296 2.56 -19.48 -4.49
N MET B 297 1.91 -20.63 -4.25
CA MET B 297 1.02 -20.80 -3.10
C MET B 297 1.74 -21.10 -1.79
N LEU B 298 2.98 -21.56 -1.87
CA LEU B 298 3.73 -21.79 -0.63
C LEU B 298 4.57 -20.58 -0.24
N THR B 299 4.64 -19.57 -1.10
CA THR B 299 5.40 -18.36 -0.80
C THR B 299 4.92 -17.66 0.51
N LEU B 300 5.86 -17.40 1.42
CA LEU B 300 5.62 -16.67 2.65
C LEU B 300 6.75 -15.71 2.93
N GLY B 301 6.50 -14.42 2.77
CA GLY B 301 7.50 -13.38 3.07
C GLY B 301 8.57 -13.33 2.00
N LYS B 302 9.64 -12.58 2.28
CA LYS B 302 10.77 -12.44 1.36
C LYS B 302 11.98 -13.19 1.90
N SER B 310 10.21 -29.05 -2.98
CA SER B 310 9.68 -28.94 -1.62
C SER B 310 8.67 -30.05 -1.25
N SER B 311 8.61 -30.35 0.03
CA SER B 311 7.75 -31.41 0.54
C SER B 311 6.64 -30.78 1.38
N VAL B 312 6.20 -29.58 0.98
CA VAL B 312 4.96 -28.99 1.50
C VAL B 312 3.82 -29.87 1.03
N PRO B 313 3.15 -30.58 1.96
CA PRO B 313 1.97 -31.38 1.58
C PRO B 313 0.88 -30.53 0.89
N LEU B 314 0.37 -31.04 -0.22
CA LEU B 314 -0.63 -30.35 -1.01
C LEU B 314 -1.91 -31.16 -1.00
N TYR B 315 -2.96 -30.66 -0.32
CA TYR B 315 -4.22 -31.41 -0.22
C TYR B 315 -5.25 -30.80 -1.15
N LEU B 316 -5.79 -31.62 -2.03
CA LEU B 316 -6.72 -31.11 -3.01
C LEU B 316 -8.09 -31.71 -2.71
N ILE B 317 -9.06 -30.82 -2.48
CA ILE B 317 -10.44 -31.23 -2.14
C ILE B 317 -11.37 -31.14 -3.37
N TYR B 318 -11.90 -32.28 -3.77
CA TYR B 318 -12.74 -32.39 -4.97
C TYR B 318 -13.75 -33.55 -4.78
N PRO B 319 -15.03 -33.32 -5.13
CA PRO B 319 -16.06 -34.33 -4.80
C PRO B 319 -15.84 -35.70 -5.46
N SER B 320 -15.92 -36.75 -4.65
CA SER B 320 -15.97 -38.13 -5.16
C SER B 320 -17.32 -38.41 -5.81
N VAL B 321 -17.36 -39.47 -6.58
CA VAL B 321 -18.62 -39.97 -7.13
C VAL B 321 -19.63 -40.17 -5.99
N GLU B 322 -19.20 -40.82 -4.92
CA GLU B 322 -20.04 -41.04 -3.76
C GLU B 322 -20.60 -39.71 -3.22
N ASN B 323 -19.73 -38.72 -3.07
CA ASN B 323 -20.16 -37.39 -2.61
C ASN B 323 -21.28 -36.88 -3.49
N VAL B 324 -21.14 -37.05 -4.81
CA VAL B 324 -22.10 -36.46 -5.74
C VAL B 324 -23.42 -37.25 -5.70
N ARG B 325 -23.28 -38.57 -5.58
CA ARG B 325 -24.43 -39.44 -5.64
C ARG B 325 -25.41 -39.19 -4.48
N THR B 326 -24.84 -39.05 -3.28
CA THR B 326 -25.61 -38.96 -2.04
C THR B 326 -25.89 -37.52 -1.68
N SER B 327 -25.61 -36.60 -2.60
CA SER B 327 -25.77 -35.18 -2.36
C SER B 327 -27.27 -34.81 -2.39
N LEU B 328 -27.57 -33.56 -2.09
CA LEU B 328 -28.97 -33.15 -2.07
C LEU B 328 -29.49 -33.10 -3.51
N GLU B 329 -28.63 -32.76 -4.47
CA GLU B 329 -29.10 -32.72 -5.87
C GLU B 329 -29.06 -34.09 -6.52
N GLY B 330 -28.20 -34.95 -6.00
CA GLY B 330 -27.82 -36.19 -6.65
C GLY B 330 -26.88 -35.98 -7.82
N TYR B 331 -27.03 -36.83 -8.85
CA TYR B 331 -26.09 -36.86 -9.97
C TYR B 331 -26.11 -35.54 -10.77
N PRO B 332 -27.26 -34.82 -10.81
CA PRO B 332 -27.24 -33.53 -11.51
C PRO B 332 -26.31 -32.49 -10.89
N ALA B 333 -25.90 -32.64 -9.65
CA ALA B 333 -24.85 -31.79 -9.11
C ALA B 333 -23.63 -31.86 -9.99
N GLY B 334 -23.37 -33.06 -10.52
CA GLY B 334 -22.30 -33.31 -11.47
C GLY B 334 -22.21 -32.43 -12.71
N GLY B 335 -23.32 -31.83 -13.14
CA GLY B 335 -23.33 -30.91 -14.29
C GLY B 335 -22.58 -29.61 -14.01
N SER B 336 -22.27 -29.37 -12.74
CA SER B 336 -21.50 -28.21 -12.32
C SER B 336 -20.12 -28.63 -11.78
N LEU B 337 -19.70 -29.84 -12.11
CA LEU B 337 -18.38 -30.36 -11.75
C LEU B 337 -17.70 -30.94 -13.02
N PRO B 338 -17.36 -30.07 -14.01
CA PRO B 338 -17.14 -30.58 -15.37
C PRO B 338 -15.74 -31.18 -15.64
N TYR B 339 -15.36 -32.21 -14.90
CA TYR B 339 -14.07 -32.89 -15.14
C TYR B 339 -14.29 -34.03 -16.14
N SER B 340 -13.72 -33.87 -17.34
CA SER B 340 -13.98 -34.83 -18.43
C SER B 340 -13.01 -36.02 -18.34
N ILE B 341 -13.49 -37.21 -18.73
CA ILE B 341 -12.69 -38.45 -18.67
C ILE B 341 -11.41 -38.35 -19.51
N GLN B 342 -11.51 -37.62 -20.62
CA GLN B 342 -10.39 -37.40 -21.54
C GLN B 342 -9.26 -36.67 -20.84
N THR B 343 -9.62 -35.65 -20.06
CA THR B 343 -8.64 -34.92 -19.26
C THR B 343 -8.15 -35.81 -18.14
N ALA B 344 -9.05 -36.50 -17.46
CA ALA B 344 -8.68 -37.26 -16.27
C ALA B 344 -7.67 -38.37 -16.60
N GLU B 345 -7.86 -39.07 -17.71
CA GLU B 345 -7.00 -40.22 -17.98
C GLU B 345 -5.56 -39.88 -18.40
N LYS B 346 -5.31 -38.63 -18.79
CA LYS B 346 -3.95 -38.13 -18.99
C LYS B 346 -3.17 -37.86 -17.70
N GLN B 347 -3.90 -37.69 -16.59
CA GLN B 347 -3.28 -37.16 -15.37
C GLN B 347 -3.75 -37.96 -14.17
N ASN B 348 -3.59 -39.28 -14.23
CA ASN B 348 -3.96 -40.15 -13.11
C ASN B 348 -3.06 -39.97 -11.92
N TRP B 349 -1.86 -39.46 -12.15
CA TRP B 349 -0.96 -39.08 -11.07
C TRP B 349 -1.64 -38.11 -10.07
N LEU B 350 -2.47 -37.20 -10.58
CA LEU B 350 -3.18 -36.18 -9.78
C LEU B 350 -4.03 -36.72 -8.64
N HIS B 351 -4.65 -37.87 -8.86
CA HIS B 351 -5.82 -38.22 -8.10
C HIS B 351 -5.47 -38.79 -6.75
N SER B 352 -4.21 -39.12 -6.52
CA SER B 352 -3.82 -39.52 -5.16
C SER B 352 -3.71 -38.31 -4.23
N TYR B 353 -3.71 -37.10 -4.79
CA TYR B 353 -3.82 -35.89 -3.97
C TYR B 353 -5.28 -35.60 -3.53
N PHE B 354 -6.25 -36.33 -4.04
CA PHE B 354 -7.66 -35.97 -3.88
C PHE B 354 -8.25 -36.37 -2.52
N HIS B 355 -9.00 -35.42 -1.93
CA HIS B 355 -9.72 -35.59 -0.66
C HIS B 355 -11.21 -35.31 -0.83
N LYS B 356 -12.01 -36.03 -0.05
CA LYS B 356 -13.46 -35.88 -0.05
C LYS B 356 -13.94 -34.47 0.18
N TRP B 357 -15.13 -34.16 -0.32
CA TRP B 357 -15.89 -33.05 0.22
C TRP B 357 -16.53 -33.49 1.52
N SER B 358 -16.20 -32.79 2.58
CA SER B 358 -16.79 -33.01 3.87
C SER B 358 -16.97 -31.67 4.55
N ALA B 359 -18.18 -31.38 5.02
CA ALA B 359 -18.50 -30.06 5.55
C ALA B 359 -19.57 -30.10 6.66
N GLU B 360 -19.43 -31.10 7.52
CA GLU B 360 -20.16 -31.20 8.79
C GLU B 360 -20.18 -29.88 9.58
N THR B 361 -19.04 -29.20 9.59
CA THR B 361 -18.90 -27.90 10.25
C THR B 361 -19.93 -26.84 9.78
N SER B 362 -20.32 -26.85 8.51
CA SER B 362 -21.30 -25.88 8.03
C SER B 362 -22.62 -26.57 7.59
N GLY B 363 -22.78 -27.85 7.98
CA GLY B 363 -23.97 -28.64 7.66
C GLY B 363 -24.15 -28.96 6.18
N ARG B 364 -23.05 -28.90 5.43
CA ARG B 364 -23.10 -28.87 3.97
C ARG B 364 -22.30 -29.98 3.31
N SER B 365 -22.13 -31.10 3.99
CA SER B 365 -21.49 -32.24 3.35
C SER B 365 -22.25 -32.73 2.10
N ASN B 366 -23.55 -32.51 2.09
CA ASN B 366 -24.39 -33.00 1.00
C ASN B 366 -24.74 -31.85 0.10
N ALA B 367 -24.10 -30.71 0.30
CA ALA B 367 -24.30 -29.58 -0.60
C ALA B 367 -23.02 -29.37 -1.42
N MET B 368 -23.05 -29.86 -2.67
CA MET B 368 -21.84 -29.94 -3.47
C MET B 368 -21.19 -28.56 -3.67
N PRO B 369 -19.85 -28.53 -3.60
CA PRO B 369 -19.12 -27.30 -3.73
C PRO B 369 -19.11 -26.79 -5.16
N HIS B 370 -19.48 -25.52 -5.31
CA HIS B 370 -19.11 -24.73 -6.47
C HIS B 370 -18.26 -23.52 -6.04
N ILE B 371 -18.09 -23.36 -4.73
CA ILE B 371 -17.08 -22.46 -4.17
C ILE B 371 -15.71 -22.99 -4.55
N LYS B 372 -14.77 -22.09 -4.74
CA LYS B 372 -13.34 -22.43 -4.81
C LYS B 372 -12.58 -21.68 -3.75
N THR B 373 -11.77 -22.41 -2.98
CA THR B 373 -10.98 -21.79 -1.94
C THR B 373 -9.55 -22.34 -1.95
N TYR B 374 -8.62 -21.49 -1.57
CA TYR B 374 -7.25 -21.93 -1.30
C TYR B 374 -6.78 -21.29 0.01
N MET B 375 -6.01 -22.05 0.80
CA MET B 375 -5.57 -21.61 2.11
C MET B 375 -4.27 -22.28 2.58
N ARG B 376 -3.69 -21.73 3.67
CA ARG B 376 -2.43 -22.23 4.21
C ARG B 376 -2.54 -22.63 5.69
N PRO B 377 -3.05 -23.82 5.97
CA PRO B 377 -3.17 -24.22 7.37
C PRO B 377 -1.85 -24.57 8.05
N SER B 378 -1.86 -24.57 9.38
CA SER B 378 -0.77 -25.08 10.21
C SER B 378 -0.80 -26.61 10.24
N PRO B 379 0.28 -27.25 10.74
CA PRO B 379 0.34 -28.69 10.54
C PRO B 379 -0.70 -29.43 11.38
N ASP B 380 -1.15 -28.81 12.48
CA ASP B 380 -2.24 -29.37 13.28
C ASP B 380 -3.64 -28.81 12.89
N PHE B 381 -3.68 -27.95 11.87
CA PHE B 381 -4.91 -27.42 11.25
C PHE B 381 -5.73 -26.49 12.11
N SER B 382 -5.17 -26.00 13.21
CA SER B 382 -5.95 -25.22 14.16
C SER B 382 -5.87 -23.73 13.88
N LYS B 383 -4.95 -23.32 13.01
CA LYS B 383 -4.91 -21.95 12.53
C LYS B 383 -4.48 -21.96 11.08
N ILE B 384 -4.63 -20.80 10.42
CA ILE B 384 -4.23 -20.63 9.00
C ILE B 384 -3.50 -19.29 8.80
N ALA B 385 -2.65 -19.25 7.77
CA ALA B 385 -1.82 -18.08 7.45
C ALA B 385 -2.49 -17.17 6.42
N TRP B 386 -3.43 -17.72 5.67
CA TRP B 386 -4.28 -16.93 4.76
C TRP B 386 -5.40 -17.80 4.18
N PHE B 387 -6.36 -17.15 3.53
CA PHE B 387 -7.47 -17.81 2.93
C PHE B 387 -7.85 -16.98 1.72
N LEU B 388 -8.17 -17.68 0.65
CA LEU B 388 -8.63 -17.05 -0.56
C LEU B 388 -9.95 -17.68 -0.99
N VAL B 389 -10.91 -16.86 -1.38
CA VAL B 389 -12.07 -17.37 -2.02
C VAL B 389 -12.13 -16.73 -3.40
N THR B 390 -12.43 -17.54 -4.41
CA THR B 390 -12.25 -17.12 -5.79
C THR B 390 -13.14 -17.90 -6.75
N SER B 391 -13.39 -17.33 -7.93
CA SER B 391 -13.97 -18.07 -9.10
C SER B 391 -13.00 -19.05 -9.76
N ALA B 392 -11.72 -18.96 -9.43
CA ALA B 392 -10.67 -19.70 -10.15
C ALA B 392 -10.59 -21.17 -9.74
N ASN B 393 -10.81 -22.06 -10.70
CA ASN B 393 -10.60 -23.49 -10.51
C ASN B 393 -9.13 -23.89 -10.65
N LEU B 394 -8.87 -25.20 -10.58
CA LEU B 394 -7.48 -25.70 -10.64
C LEU B 394 -7.06 -25.91 -12.11
N SER B 395 -6.91 -24.79 -12.82
CA SER B 395 -6.56 -24.79 -14.25
C SER B 395 -5.59 -23.67 -14.66
N LYS B 396 -4.87 -23.95 -15.76
CA LYS B 396 -3.91 -23.02 -16.32
C LYS B 396 -4.60 -21.83 -16.97
N ALA B 397 -5.76 -22.07 -17.57
CA ALA B 397 -6.57 -21.02 -18.14
C ALA B 397 -6.87 -19.92 -17.11
N ALA B 398 -7.07 -20.33 -15.86
CA ALA B 398 -7.61 -19.46 -14.79
C ALA B 398 -6.50 -18.83 -13.95
N TRP B 399 -5.51 -19.65 -13.62
CA TRP B 399 -4.37 -19.22 -12.83
C TRP B 399 -3.21 -18.63 -13.68
N GLY B 400 -3.04 -19.11 -14.91
CA GLY B 400 -1.96 -18.67 -15.79
C GLY B 400 -0.78 -19.63 -15.89
N ALA B 401 -0.22 -19.74 -17.09
CA ALA B 401 0.97 -20.57 -17.29
C ALA B 401 2.06 -19.78 -18.02
N LEU B 402 3.29 -19.97 -17.54
CA LEU B 402 4.49 -19.37 -18.14
C LEU B 402 4.78 -19.87 -19.57
N GLU B 403 4.86 -18.94 -20.51
CA GLU B 403 5.31 -19.20 -21.87
C GLU B 403 6.71 -18.61 -22.07
N LYS B 404 7.34 -19.00 -23.18
CA LYS B 404 8.61 -18.40 -23.64
C LYS B 404 9.66 -18.31 -22.56
N ASN B 405 10.04 -19.49 -22.04
CA ASN B 405 10.74 -19.65 -20.76
C ASN B 405 10.64 -18.51 -19.73
N GLY B 406 9.72 -18.63 -18.77
CA GLY B 406 9.67 -17.67 -17.65
C GLY B 406 9.34 -16.22 -18.01
N THR B 407 9.38 -15.89 -19.30
CA THR B 407 9.31 -14.49 -19.80
C THR B 407 7.91 -13.88 -19.71
N GLN B 408 6.90 -14.65 -20.09
CA GLN B 408 5.54 -14.17 -19.95
C GLN B 408 4.64 -15.17 -19.22
N LEU B 409 3.64 -14.63 -18.53
CA LEU B 409 2.53 -15.42 -17.98
C LEU B 409 1.31 -15.25 -18.90
N MET B 410 0.92 -16.34 -19.56
CA MET B 410 -0.31 -16.38 -20.34
C MET B 410 -1.52 -16.85 -19.50
N ILE B 411 -2.63 -16.14 -19.68
CA ILE B 411 -3.88 -16.35 -18.95
C ILE B 411 -5.00 -16.28 -19.97
N ARG B 412 -5.88 -17.28 -19.94
CA ARG B 412 -7.02 -17.36 -20.87
C ARG B 412 -8.29 -16.64 -20.38
N SER B 413 -8.48 -16.58 -19.06
CA SER B 413 -9.82 -16.35 -18.47
C SER B 413 -9.85 -15.11 -17.59
N TYR B 414 -11.03 -14.49 -17.47
CA TYR B 414 -11.31 -13.55 -16.37
C TYR B 414 -11.66 -14.32 -15.08
N GLU B 415 -11.00 -13.95 -13.97
CA GLU B 415 -11.32 -14.51 -12.65
C GLU B 415 -11.12 -13.42 -11.59
N LEU B 416 -11.74 -13.59 -10.43
CA LEU B 416 -11.67 -12.63 -9.34
C LEU B 416 -11.94 -13.34 -8.01
N GLY B 417 -11.06 -13.13 -7.05
CA GLY B 417 -11.20 -13.61 -5.67
C GLY B 417 -10.65 -12.59 -4.68
N VAL B 418 -10.89 -12.83 -3.40
CA VAL B 418 -10.39 -11.96 -2.39
C VAL B 418 -9.55 -12.75 -1.44
N LEU B 419 -8.45 -12.14 -1.05
CA LEU B 419 -7.47 -12.76 -0.18
C LEU B 419 -7.58 -12.17 1.22
N PHE B 420 -7.72 -13.04 2.21
CA PHE B 420 -7.70 -12.67 3.61
C PHE B 420 -6.35 -13.00 4.19
N LEU B 421 -5.61 -11.95 4.56
CA LEU B 421 -4.28 -12.03 5.17
C LEU B 421 -4.34 -11.54 6.61
N PRO B 422 -3.74 -12.31 7.54
CA PRO B 422 -3.71 -11.81 8.93
C PRO B 422 -3.10 -10.39 9.11
N SER B 423 -2.13 -10.02 8.28
CA SER B 423 -1.44 -8.73 8.43
C SER B 423 -2.43 -7.56 8.24
N ALA B 424 -3.47 -7.78 7.46
CA ALA B 424 -4.44 -6.72 7.21
C ALA B 424 -5.39 -6.48 8.39
N LEU B 425 -5.35 -7.34 9.39
CA LEU B 425 -6.08 -7.09 10.64
C LEU B 425 -5.13 -6.93 11.84
N GLY B 426 -3.83 -6.78 11.57
CA GLY B 426 -2.82 -6.71 12.62
C GLY B 426 -2.51 -8.03 13.32
N LEU B 427 -2.64 -9.14 12.62
CA LEU B 427 -2.45 -10.44 13.26
C LEU B 427 -1.45 -11.21 12.47
N ASP B 428 -1.02 -12.34 13.03
CA ASP B 428 -0.03 -13.20 12.40
C ASP B 428 -0.68 -14.38 11.72
N SER B 429 -1.85 -14.76 12.20
CA SER B 429 -2.55 -15.96 11.72
C SER B 429 -3.99 -15.88 12.23
N PHE B 430 -4.91 -16.61 11.60
CA PHE B 430 -6.28 -16.69 12.08
C PHE B 430 -6.46 -18.05 12.75
N LYS B 431 -7.10 -18.09 13.90
CA LYS B 431 -7.61 -19.34 14.48
C LYS B 431 -8.73 -19.90 13.59
N VAL B 432 -8.81 -21.22 13.49
CA VAL B 432 -9.87 -21.82 12.71
C VAL B 432 -11.11 -21.97 13.60
N LYS B 433 -12.25 -21.50 13.10
CA LYS B 433 -13.49 -21.61 13.84
C LYS B 433 -13.97 -23.05 13.86
N GLN B 434 -13.84 -23.69 15.02
CA GLN B 434 -14.66 -24.86 15.35
C GLN B 434 -16.16 -24.60 15.12
N ALA B 445 -12.18 -12.68 14.88
CA ALA B 445 -10.83 -13.19 15.10
C ALA B 445 -10.62 -14.54 14.39
N THR B 446 -11.61 -15.41 14.50
CA THR B 446 -11.46 -16.77 13.99
C THR B 446 -12.11 -16.90 12.61
N PHE B 447 -11.38 -17.44 11.66
CA PHE B 447 -11.85 -17.43 10.28
C PHE B 447 -12.76 -18.62 10.03
N PRO B 448 -13.90 -18.40 9.36
CA PRO B 448 -14.92 -19.44 9.17
C PRO B 448 -14.64 -20.31 7.93
N VAL B 449 -13.77 -21.28 8.12
CA VAL B 449 -13.51 -22.29 7.13
C VAL B 449 -14.78 -23.14 6.90
N PRO B 450 -15.31 -23.17 5.65
CA PRO B 450 -16.57 -23.84 5.35
C PRO B 450 -16.59 -25.38 5.39
N TYR B 451 -15.41 -25.99 5.25
CA TYR B 451 -15.32 -27.45 5.20
C TYR B 451 -14.54 -27.94 6.39
N ASP B 452 -14.50 -29.26 6.57
CA ASP B 452 -13.89 -29.90 7.72
C ASP B 452 -12.36 -30.05 7.55
N LEU B 453 -11.70 -30.18 8.70
CA LEU B 453 -10.25 -30.29 8.78
C LEU B 453 -9.90 -31.33 9.86
N PRO B 454 -8.90 -32.16 9.60
CA PRO B 454 -8.08 -32.14 8.36
C PRO B 454 -8.84 -32.75 7.18
N PRO B 455 -8.44 -32.44 5.93
CA PRO B 455 -9.12 -33.08 4.80
C PRO B 455 -8.98 -34.58 4.85
N GLU B 456 -9.98 -35.31 4.39
CA GLU B 456 -10.01 -36.77 4.48
C GLU B 456 -9.76 -37.38 3.09
N LEU B 457 -8.75 -38.25 3.01
CA LEU B 457 -8.33 -38.83 1.73
C LEU B 457 -9.48 -39.67 1.12
N TYR B 458 -9.61 -39.66 -0.21
CA TYR B 458 -10.39 -40.68 -0.92
C TYR B 458 -10.08 -42.07 -0.34
N GLY B 459 -11.11 -42.83 -0.01
CA GLY B 459 -10.94 -44.24 0.33
C GLY B 459 -10.50 -44.95 -0.94
N SER B 460 -10.08 -46.20 -0.83
CA SER B 460 -9.47 -46.88 -1.98
C SER B 460 -10.51 -47.20 -3.06
N LYS B 461 -11.77 -47.37 -2.68
CA LYS B 461 -12.80 -47.59 -3.69
C LYS B 461 -13.57 -46.31 -4.10
N ASP B 462 -13.12 -45.13 -3.65
CA ASP B 462 -13.64 -43.88 -4.17
C ASP B 462 -12.98 -43.51 -5.50
N ARG B 463 -13.64 -42.68 -6.29
CA ARG B 463 -13.01 -42.08 -7.47
C ARG B 463 -13.47 -40.65 -7.63
N PRO B 464 -12.72 -39.86 -8.39
CA PRO B 464 -13.19 -38.48 -8.61
C PRO B 464 -14.47 -38.43 -9.43
N TRP B 465 -15.29 -37.43 -9.18
CA TRP B 465 -16.39 -37.19 -10.06
C TRP B 465 -15.87 -36.87 -11.46
N ILE B 466 -16.37 -37.62 -12.44
CA ILE B 466 -16.11 -37.32 -13.86
C ILE B 466 -17.47 -37.17 -14.59
N TRP B 467 -17.73 -35.99 -15.15
CA TRP B 467 -19.10 -35.63 -15.55
C TRP B 467 -19.65 -36.40 -16.74
N ASN B 468 -18.78 -36.94 -17.56
CA ASN B 468 -19.21 -37.41 -18.89
C ASN B 468 -18.95 -38.88 -19.11
N ILE B 469 -18.97 -39.67 -18.05
CA ILE B 469 -19.13 -41.13 -18.15
C ILE B 469 -20.41 -41.51 -17.41
N PRO B 470 -20.92 -42.74 -17.65
CA PRO B 470 -22.16 -43.16 -17.01
C PRO B 470 -21.94 -43.69 -15.60
N TYR B 471 -22.90 -43.46 -14.70
CA TYR B 471 -22.91 -44.17 -13.42
C TYR B 471 -24.27 -44.83 -13.27
N VAL B 472 -24.28 -46.16 -13.29
CA VAL B 472 -25.52 -46.94 -13.43
C VAL B 472 -25.54 -48.05 -12.40
N LYS B 473 -24.63 -48.03 -11.44
CA LYS B 473 -24.50 -49.09 -10.43
C LYS B 473 -25.39 -48.86 -9.23
N ALA B 474 -25.48 -47.60 -8.81
CA ALA B 474 -26.26 -47.25 -7.62
C ALA B 474 -26.97 -45.92 -7.88
N PRO B 475 -28.26 -45.84 -7.54
CA PRO B 475 -29.02 -44.62 -7.82
C PRO B 475 -28.74 -43.46 -6.82
N ASP B 476 -29.03 -42.23 -7.22
CA ASP B 476 -28.84 -41.08 -6.39
C ASP B 476 -30.07 -40.84 -5.50
N THR B 477 -30.10 -39.68 -4.83
CA THR B 477 -31.11 -39.34 -3.84
C THR B 477 -32.51 -39.10 -4.43
N HIS B 478 -32.62 -38.86 -5.74
CA HIS B 478 -33.92 -38.72 -6.40
C HIS B 478 -34.21 -40.00 -7.20
N GLY B 479 -33.48 -41.08 -6.90
CA GLY B 479 -33.74 -42.37 -7.48
C GLY B 479 -33.15 -42.55 -8.89
N ASN B 480 -32.27 -41.65 -9.34
CA ASN B 480 -31.81 -41.62 -10.74
C ASN B 480 -30.39 -42.16 -10.94
N MET B 481 -30.12 -42.65 -12.15
CA MET B 481 -28.77 -42.93 -12.62
C MET B 481 -28.30 -41.76 -13.50
N TRP B 482 -27.03 -41.81 -13.91
CA TRP B 482 -26.40 -40.73 -14.69
C TRP B 482 -25.95 -41.36 -16.00
N VAL B 483 -26.49 -40.84 -17.11
CA VAL B 483 -26.18 -41.29 -18.48
C VAL B 483 -25.98 -40.04 -19.32
N PRO B 484 -24.74 -39.52 -19.38
CA PRO B 484 -24.52 -38.23 -20.03
C PRO B 484 -24.72 -38.33 -21.53
N SER B 485 -25.05 -37.21 -22.15
CA SER B 485 -25.48 -37.20 -23.55
C SER B 485 -25.61 -35.76 -24.04
#